data_5FJY
#
_entry.id   5FJY
#
_cell.length_a   148.700
_cell.length_b   86.280
_cell.length_c   111.740
_cell.angle_alpha   90.00
_cell.angle_beta   98.41
_cell.angle_gamma   90.00
#
_symmetry.space_group_name_H-M   'C 1 2 1'
#
loop_
_entity.id
_entity.type
_entity.pdbx_description
1 polymer 'KINESIN LIGHT CHAIN 2'
2 polymer 'UNKNOWN PEPTIDE'
#
loop_
_entity_poly.entity_id
_entity_poly.type
_entity_poly.pdbx_seq_one_letter_code
_entity_poly.pdbx_strand_id
1 'polypeptide(L)'
;GSHMKDSLDDLFPNEDEQSPAPSPGGGDVAAQHGGYEIPALRLTLHNLVIQYASQGRYEVAVPLCKQALEDLEKTSGHDH
PDVATMLNILALVYRDQNKYKDAAHLLNDALAIREKTLGKDHPAVAATLNNLAVLYGKRGKYKEAEPLCKRALEIREKVL
GKFHPDVAKQLSNLALLCQNQGKAEEVEYYYRRALEIYATRLGPDDPNVAKTKNNLASCYLKQGKYQDAETLYKEILTRA
HEKEFGSVNGENKPIWMHAEEREESKDKRRDSAPYGEYGSWYKACKVDSPTVNTTLRSLGALYRRQGKLEAAHTLEDCAS
RSRK
;
A,B,C
2 'polypeptide(L)' (UNK)(UNK)(UNK)(UNK)(UNK) D,E,F
#
# COMPACT_ATOMS: atom_id res chain seq x y z
N PRO A 39 -62.46 0.48 -14.16
CA PRO A 39 -63.50 -0.35 -13.50
C PRO A 39 -64.57 0.48 -12.76
N ALA A 40 -65.76 -0.14 -12.45
CA ALA A 40 -66.82 0.54 -11.69
C ALA A 40 -66.30 0.70 -10.24
N LEU A 41 -66.65 1.82 -9.52
CA LEU A 41 -66.18 2.12 -8.14
C LEU A 41 -66.61 1.05 -7.06
N ARG A 42 -67.18 -0.06 -7.58
CA ARG A 42 -67.45 -1.27 -6.84
C ARG A 42 -66.09 -1.98 -7.02
N LEU A 43 -65.77 -2.48 -8.25
CA LEU A 43 -64.52 -3.15 -8.65
C LEU A 43 -63.23 -2.37 -8.39
N THR A 44 -63.34 -1.07 -7.98
CA THR A 44 -62.20 -0.21 -7.61
C THR A 44 -62.07 -0.11 -6.08
N LEU A 45 -63.17 0.19 -5.33
CA LEU A 45 -63.11 0.26 -3.87
C LEU A 45 -62.88 -1.14 -3.32
N HIS A 46 -63.45 -2.17 -4.00
CA HIS A 46 -63.31 -3.61 -3.77
C HIS A 46 -61.78 -3.86 -3.77
N ASN A 47 -61.13 -3.41 -4.88
CA ASN A 47 -59.70 -3.46 -5.19
C ASN A 47 -58.85 -2.68 -4.21
N LEU A 48 -59.30 -1.48 -3.79
CA LEU A 48 -58.61 -0.59 -2.86
C LEU A 48 -58.35 -1.23 -1.50
N VAL A 49 -59.28 -2.10 -1.05
CA VAL A 49 -59.16 -2.79 0.23
C VAL A 49 -58.22 -4.00 0.11
N ILE A 50 -58.13 -4.64 -1.09
CA ILE A 50 -57.22 -5.77 -1.33
C ILE A 50 -55.85 -5.36 -0.84
N GLN A 51 -55.36 -4.26 -1.37
CA GLN A 51 -54.06 -3.66 -1.07
C GLN A 51 -54.01 -3.22 0.38
N TYR A 52 -55.11 -2.64 0.88
CA TYR A 52 -55.24 -2.08 2.22
C TYR A 52 -55.09 -3.12 3.34
N ALA A 53 -55.90 -4.19 3.33
CA ALA A 53 -55.83 -5.21 4.38
C ALA A 53 -54.56 -6.08 4.29
N SER A 54 -53.97 -6.23 3.08
CA SER A 54 -52.75 -7.03 2.86
C SER A 54 -51.48 -6.32 3.31
N GLN A 55 -51.53 -4.97 3.42
CA GLN A 55 -50.43 -4.12 3.85
C GLN A 55 -50.02 -4.51 5.27
N GLY A 56 -51.00 -4.66 6.16
CA GLY A 56 -50.79 -5.12 7.52
C GLY A 56 -50.63 -6.63 7.58
N ARG A 57 -50.18 -7.23 6.45
CA ARG A 57 -49.95 -8.67 6.21
C ARG A 57 -51.16 -9.55 6.53
N TYR A 58 -52.37 -8.99 6.52
CA TYR A 58 -53.58 -9.76 6.82
C TYR A 58 -54.04 -10.60 5.65
N GLU A 59 -53.28 -11.67 5.38
CA GLU A 59 -53.62 -12.64 4.35
C GLU A 59 -54.77 -13.46 4.93
N VAL A 60 -55.27 -14.43 4.14
CA VAL A 60 -56.48 -15.23 4.41
C VAL A 60 -57.65 -14.26 4.14
N ALA A 61 -57.69 -13.13 4.89
CA ALA A 61 -58.66 -12.05 4.73
C ALA A 61 -58.73 -11.59 3.27
N VAL A 62 -57.62 -11.06 2.76
CA VAL A 62 -57.50 -10.51 1.43
C VAL A 62 -57.67 -11.52 0.28
N PRO A 63 -56.96 -12.66 0.25
CA PRO A 63 -57.06 -13.56 -0.92
C PRO A 63 -58.45 -13.96 -1.37
N LEU A 64 -59.37 -14.04 -0.43
CA LEU A 64 -60.74 -14.38 -0.75
C LEU A 64 -61.40 -13.29 -1.55
N CYS A 65 -61.11 -12.01 -1.22
CA CYS A 65 -61.63 -10.81 -1.87
C CYS A 65 -61.06 -10.69 -3.27
N LYS A 66 -59.76 -10.91 -3.39
CA LYS A 66 -59.03 -10.83 -4.65
C LYS A 66 -59.61 -11.76 -5.68
N GLN A 67 -60.08 -12.93 -5.24
CA GLN A 67 -60.71 -13.92 -6.10
C GLN A 67 -62.05 -13.40 -6.56
N ALA A 68 -62.89 -12.95 -5.60
CA ALA A 68 -64.23 -12.39 -5.87
C ALA A 68 -64.17 -11.26 -6.89
N LEU A 69 -63.08 -10.48 -6.86
CA LEU A 69 -62.80 -9.37 -7.78
C LEU A 69 -62.52 -9.91 -9.18
N GLU A 70 -61.58 -10.87 -9.26
CA GLU A 70 -61.18 -11.50 -10.53
C GLU A 70 -62.30 -12.20 -11.22
N ASP A 71 -63.27 -12.70 -10.46
CA ASP A 71 -64.45 -13.36 -11.01
C ASP A 71 -65.37 -12.33 -11.64
N LEU A 72 -65.57 -11.20 -10.96
CA LEU A 72 -66.37 -10.08 -11.44
C LEU A 72 -65.76 -9.46 -12.70
N GLU A 73 -64.42 -9.33 -12.71
CA GLU A 73 -63.68 -8.79 -13.85
C GLU A 73 -63.75 -9.71 -15.05
N LYS A 74 -63.59 -11.05 -14.84
CA LYS A 74 -63.61 -12.04 -15.93
C LYS A 74 -65.02 -12.29 -16.47
N THR A 75 -66.07 -11.88 -15.76
CA THR A 75 -67.44 -11.95 -16.31
C THR A 75 -67.77 -10.63 -17.03
N SER A 76 -67.41 -9.48 -16.42
CA SER A 76 -67.65 -8.14 -16.95
C SER A 76 -66.46 -7.57 -17.76
N GLY A 77 -65.78 -8.40 -18.53
CA GLY A 77 -64.66 -7.95 -19.35
C GLY A 77 -63.39 -8.77 -19.22
N HIS A 78 -63.19 -9.70 -20.16
CA HIS A 78 -62.07 -10.66 -20.21
C HIS A 78 -61.31 -10.61 -21.57
N ASP A 79 -59.99 -10.96 -21.65
CA ASP A 79 -59.04 -11.40 -20.61
C ASP A 79 -58.39 -10.22 -19.88
N HIS A 80 -58.54 -8.97 -20.41
CA HIS A 80 -58.19 -7.59 -19.97
C HIS A 80 -56.97 -7.42 -19.03
N PRO A 81 -56.17 -6.33 -19.21
CA PRO A 81 -55.01 -6.09 -18.34
C PRO A 81 -55.24 -5.98 -16.85
N ASP A 82 -56.45 -5.61 -16.39
CA ASP A 82 -56.67 -5.49 -14.95
C ASP A 82 -56.74 -6.81 -14.22
N VAL A 83 -57.20 -7.84 -14.91
CA VAL A 83 -57.27 -9.20 -14.38
C VAL A 83 -55.85 -9.62 -14.07
N ALA A 84 -54.92 -9.28 -14.99
CA ALA A 84 -53.51 -9.59 -14.84
C ALA A 84 -52.93 -8.93 -13.59
N THR A 85 -53.32 -7.67 -13.28
CA THR A 85 -52.84 -6.95 -12.10
C THR A 85 -53.31 -7.64 -10.82
N MET A 86 -54.51 -8.17 -10.87
CA MET A 86 -55.07 -8.88 -9.74
C MET A 86 -54.38 -10.22 -9.55
N LEU A 87 -54.11 -10.96 -10.67
CA LEU A 87 -53.38 -12.24 -10.64
C LEU A 87 -52.02 -12.01 -10.03
N ASN A 88 -51.42 -10.82 -10.30
CA ASN A 88 -50.12 -10.40 -9.80
C ASN A 88 -50.14 -10.29 -8.29
N ILE A 89 -51.18 -9.62 -7.75
CA ILE A 89 -51.31 -9.43 -6.31
C ILE A 89 -51.55 -10.78 -5.65
N LEU A 90 -52.34 -11.63 -6.32
CA LEU A 90 -52.67 -12.98 -5.88
C LEU A 90 -51.40 -13.79 -5.82
N ALA A 91 -50.57 -13.72 -6.87
CA ALA A 91 -49.33 -14.46 -6.98
C ALA A 91 -48.38 -14.07 -5.85
N LEU A 92 -48.35 -12.77 -5.51
CA LEU A 92 -47.53 -12.23 -4.44
C LEU A 92 -47.98 -12.79 -3.08
N VAL A 93 -49.30 -12.80 -2.82
CA VAL A 93 -49.89 -13.32 -1.59
C VAL A 93 -49.62 -14.81 -1.43
N TYR A 94 -49.71 -15.58 -2.53
CA TYR A 94 -49.42 -17.02 -2.53
C TYR A 94 -47.93 -17.29 -2.18
N ARG A 95 -47.01 -16.46 -2.71
CA ARG A 95 -45.58 -16.56 -2.43
C ARG A 95 -45.34 -16.36 -0.95
N ASP A 96 -46.05 -15.41 -0.34
CA ASP A 96 -45.93 -15.09 1.09
C ASP A 96 -46.51 -16.20 1.99
N GLN A 97 -47.37 -17.05 1.43
CA GLN A 97 -47.95 -18.21 2.11
C GLN A 97 -47.16 -19.47 1.76
N ASN A 98 -46.05 -19.30 1.02
CA ASN A 98 -45.14 -20.36 0.56
C ASN A 98 -45.78 -21.35 -0.44
N LYS A 99 -46.94 -20.98 -1.03
CA LYS A 99 -47.61 -21.78 -2.06
C LYS A 99 -46.95 -21.40 -3.39
N TYR A 100 -45.69 -21.85 -3.58
CA TYR A 100 -44.87 -21.45 -4.72
C TYR A 100 -45.36 -21.94 -6.07
N LYS A 101 -45.82 -23.20 -6.14
CA LYS A 101 -46.35 -23.82 -7.35
C LYS A 101 -47.51 -22.99 -7.89
N ASP A 102 -48.43 -22.61 -7.00
CA ASP A 102 -49.62 -21.83 -7.26
C ASP A 102 -49.25 -20.40 -7.65
N ALA A 103 -48.29 -19.79 -6.93
CA ALA A 103 -47.80 -18.43 -7.16
C ALA A 103 -47.22 -18.27 -8.56
N ALA A 104 -46.31 -19.18 -8.93
CA ALA A 104 -45.64 -19.16 -10.23
C ALA A 104 -46.63 -19.34 -11.40
N HIS A 105 -47.60 -20.26 -11.24
CA HIS A 105 -48.61 -20.53 -12.25
C HIS A 105 -49.41 -19.29 -12.62
N LEU A 106 -49.78 -18.46 -11.62
CA LEU A 106 -50.57 -17.25 -11.79
C LEU A 106 -49.81 -16.17 -12.52
N LEU A 107 -48.53 -15.96 -12.16
CA LEU A 107 -47.71 -14.94 -12.78
C LEU A 107 -47.51 -15.19 -14.26
N ASN A 108 -47.37 -16.47 -14.64
CA ASN A 108 -47.24 -16.90 -16.02
C ASN A 108 -48.49 -16.50 -16.82
N ASP A 109 -49.68 -16.67 -16.21
CA ASP A 109 -50.96 -16.31 -16.82
C ASP A 109 -51.12 -14.80 -16.88
N ALA A 110 -50.62 -14.05 -15.88
CA ALA A 110 -50.64 -12.59 -15.87
C ALA A 110 -49.68 -12.06 -16.94
N LEU A 111 -48.57 -12.77 -17.14
CA LEU A 111 -47.58 -12.41 -18.12
C LEU A 111 -48.16 -12.55 -19.51
N ALA A 112 -48.80 -13.69 -19.80
CA ALA A 112 -49.42 -13.95 -21.09
C ALA A 112 -50.51 -12.93 -21.42
N ILE A 113 -51.29 -12.50 -20.41
CA ILE A 113 -52.34 -11.50 -20.57
C ILE A 113 -51.71 -10.15 -20.92
N ARG A 114 -50.67 -9.77 -20.19
CA ARG A 114 -49.97 -8.49 -20.39
C ARG A 114 -49.22 -8.43 -21.71
N GLU A 115 -48.75 -9.58 -22.19
CA GLU A 115 -48.05 -9.68 -23.46
C GLU A 115 -49.03 -9.50 -24.61
N LYS A 116 -50.24 -10.00 -24.44
CA LYS A 116 -51.27 -9.87 -25.46
C LYS A 116 -51.80 -8.43 -25.49
N THR A 117 -52.18 -7.90 -24.33
CA THR A 117 -52.76 -6.56 -24.21
C THR A 117 -51.74 -5.44 -24.32
N LEU A 118 -50.87 -5.29 -23.31
CA LEU A 118 -49.87 -4.22 -23.25
C LEU A 118 -48.69 -4.44 -24.21
N GLY A 119 -48.54 -5.69 -24.67
CA GLY A 119 -47.50 -6.06 -25.62
C GLY A 119 -46.10 -6.21 -25.05
N LYS A 120 -45.17 -6.76 -25.85
CA LYS A 120 -43.77 -6.92 -25.44
C LYS A 120 -43.16 -5.56 -25.25
N ASP A 121 -42.10 -5.49 -24.43
CA ASP A 121 -41.35 -4.25 -24.13
C ASP A 121 -42.12 -3.24 -23.27
N HIS A 122 -43.30 -3.62 -22.78
CA HIS A 122 -44.05 -2.74 -21.91
C HIS A 122 -43.53 -2.83 -20.46
N PRO A 123 -43.35 -1.66 -19.78
CA PRO A 123 -42.81 -1.65 -18.40
C PRO A 123 -43.47 -2.60 -17.40
N ALA A 124 -44.78 -2.79 -17.52
CA ALA A 124 -45.51 -3.67 -16.63
C ALA A 124 -45.15 -5.13 -16.86
N VAL A 125 -44.71 -5.47 -18.07
CA VAL A 125 -44.28 -6.82 -18.40
C VAL A 125 -42.95 -7.08 -17.70
N ALA A 126 -42.10 -6.04 -17.68
CA ALA A 126 -40.80 -6.10 -17.05
C ALA A 126 -40.89 -6.47 -15.58
N ALA A 127 -41.79 -5.83 -14.84
CA ALA A 127 -41.99 -6.10 -13.42
C ALA A 127 -42.44 -7.53 -13.18
N THR A 128 -43.37 -8.03 -14.03
CA THR A 128 -43.90 -9.38 -13.95
C THR A 128 -42.78 -10.42 -14.12
N LEU A 129 -41.95 -10.24 -15.16
CA LEU A 129 -40.82 -11.11 -15.46
C LEU A 129 -39.86 -11.18 -14.26
N ASN A 130 -39.60 -10.03 -13.61
CA ASN A 130 -38.75 -9.96 -12.42
C ASN A 130 -39.36 -10.75 -11.26
N ASN A 131 -40.65 -10.54 -10.98
CA ASN A 131 -41.37 -11.24 -9.92
C ASN A 131 -41.36 -12.76 -10.13
N LEU A 132 -41.50 -13.20 -11.40
CA LEU A 132 -41.47 -14.62 -11.74
C LEU A 132 -40.05 -15.17 -11.61
N ALA A 133 -39.03 -14.34 -11.95
CA ALA A 133 -37.62 -14.70 -11.82
C ALA A 133 -37.29 -14.87 -10.35
N VAL A 134 -37.85 -14.00 -9.49
CA VAL A 134 -37.71 -14.03 -8.03
C VAL A 134 -38.21 -15.38 -7.50
N LEU A 135 -39.48 -15.74 -7.81
CA LEU A 135 -40.11 -17.00 -7.39
C LEU A 135 -39.33 -18.24 -7.81
N TYR A 136 -38.76 -18.19 -9.01
CA TYR A 136 -37.95 -19.26 -9.55
C TYR A 136 -36.63 -19.39 -8.77
N GLY A 137 -36.05 -18.25 -8.38
CA GLY A 137 -34.81 -18.19 -7.62
C GLY A 137 -34.97 -18.72 -6.22
N LYS A 138 -36.13 -18.43 -5.59
CA LYS A 138 -36.50 -18.89 -4.25
C LYS A 138 -36.55 -20.41 -4.16
N ARG A 139 -36.85 -21.09 -5.29
CA ARG A 139 -36.91 -22.54 -5.35
C ARG A 139 -35.60 -23.14 -5.88
N GLY A 140 -34.62 -22.27 -6.16
CA GLY A 140 -33.32 -22.67 -6.66
C GLY A 140 -33.31 -23.01 -8.14
N LYS A 141 -34.38 -22.60 -8.87
CA LYS A 141 -34.48 -22.81 -10.31
C LYS A 141 -33.86 -21.57 -10.97
N TYR A 142 -32.51 -21.52 -10.99
CA TYR A 142 -31.72 -20.42 -11.52
C TYR A 142 -31.66 -20.42 -13.03
N LYS A 143 -31.54 -21.61 -13.63
CA LYS A 143 -31.46 -21.84 -15.07
C LYS A 143 -32.62 -21.16 -15.79
N GLU A 144 -33.84 -21.48 -15.38
CA GLU A 144 -35.07 -20.97 -15.97
C GLU A 144 -35.38 -19.55 -15.54
N ALA A 145 -34.68 -19.05 -14.51
CA ALA A 145 -34.87 -17.68 -14.00
C ALA A 145 -34.04 -16.66 -14.81
N GLU A 146 -32.86 -17.07 -15.26
CA GLU A 146 -31.94 -16.24 -16.03
C GLU A 146 -32.55 -15.63 -17.31
N PRO A 147 -33.24 -16.39 -18.21
CA PRO A 147 -33.82 -15.78 -19.42
C PRO A 147 -34.87 -14.75 -19.11
N LEU A 148 -35.71 -15.04 -18.13
CA LEU A 148 -36.76 -14.14 -17.69
C LEU A 148 -36.12 -12.84 -17.22
N CYS A 149 -35.07 -12.94 -16.40
CA CYS A 149 -34.36 -11.78 -15.88
C CYS A 149 -33.59 -11.06 -16.98
N LYS A 150 -33.05 -11.80 -17.96
CA LYS A 150 -32.30 -11.22 -19.08
C LYS A 150 -33.24 -10.36 -19.94
N ARG A 151 -34.47 -10.85 -20.16
CA ARG A 151 -35.47 -10.15 -20.97
C ARG A 151 -35.94 -8.88 -20.28
N ALA A 152 -36.16 -8.94 -18.96
CA ALA A 152 -36.58 -7.79 -18.14
C ALA A 152 -35.58 -6.66 -18.24
N LEU A 153 -34.29 -7.00 -18.25
CA LEU A 153 -33.18 -6.06 -18.40
C LEU A 153 -33.23 -5.37 -19.77
N GLU A 154 -33.53 -6.13 -20.83
CA GLU A 154 -33.60 -5.62 -22.19
C GLU A 154 -34.73 -4.61 -22.34
N ILE A 155 -35.85 -4.87 -21.66
CA ILE A 155 -36.99 -3.96 -21.69
C ILE A 155 -36.63 -2.69 -20.92
N ARG A 156 -35.97 -2.84 -19.76
CA ARG A 156 -35.55 -1.73 -18.89
C ARG A 156 -34.56 -0.80 -19.59
N GLU A 157 -33.70 -1.37 -20.45
CA GLU A 157 -32.74 -0.62 -21.24
C GLU A 157 -33.45 0.18 -22.34
N LYS A 158 -34.53 -0.38 -22.92
CA LYS A 158 -35.30 0.28 -23.97
C LYS A 158 -36.04 1.50 -23.38
N VAL A 159 -36.66 1.31 -22.21
CA VAL A 159 -37.46 2.31 -21.52
C VAL A 159 -36.62 3.46 -20.94
N LEU A 160 -35.62 3.11 -20.12
CA LEU A 160 -34.82 4.08 -19.37
C LEU A 160 -33.52 4.50 -20.00
N GLY A 161 -32.97 3.66 -20.87
CA GLY A 161 -31.67 3.89 -21.47
C GLY A 161 -30.65 2.96 -20.87
N LYS A 162 -29.62 2.60 -21.63
CA LYS A 162 -28.59 1.65 -21.20
C LYS A 162 -27.89 2.02 -19.89
N PHE A 163 -27.88 3.32 -19.53
CA PHE A 163 -27.10 3.76 -18.39
C PHE A 163 -27.88 4.39 -17.21
N HIS A 164 -29.16 4.04 -17.07
CA HIS A 164 -29.97 4.50 -15.95
C HIS A 164 -29.67 3.64 -14.71
N PRO A 165 -29.58 4.26 -13.51
CA PRO A 165 -29.34 3.48 -12.27
C PRO A 165 -30.17 2.21 -12.06
N ASP A 166 -31.43 2.21 -12.51
CA ASP A 166 -32.36 1.08 -12.40
C ASP A 166 -31.92 -0.13 -13.23
N VAL A 167 -31.08 0.13 -14.23
CA VAL A 167 -30.49 -0.92 -15.06
C VAL A 167 -29.41 -1.59 -14.23
N ALA A 168 -28.59 -0.79 -13.51
CA ALA A 168 -27.54 -1.31 -12.65
C ALA A 168 -28.13 -2.20 -11.56
N LYS A 169 -29.41 -1.97 -11.13
CA LYS A 169 -30.14 -2.84 -10.18
C LYS A 169 -30.40 -4.18 -10.84
N GLN A 170 -30.87 -4.21 -12.09
CA GLN A 170 -31.04 -5.45 -12.82
C GLN A 170 -29.72 -6.22 -13.05
N LEU A 171 -28.68 -5.50 -13.45
CA LEU A 171 -27.38 -6.11 -13.71
C LEU A 171 -26.80 -6.76 -12.46
N SER A 172 -27.09 -6.20 -11.27
CA SER A 172 -26.68 -6.74 -9.99
C SER A 172 -27.50 -7.98 -9.63
N ASN A 173 -28.78 -7.95 -9.85
CA ASN A 173 -29.63 -9.13 -9.66
C ASN A 173 -29.23 -10.21 -10.65
N LEU A 174 -28.90 -9.81 -11.88
CA LEU A 174 -28.51 -10.74 -12.95
C LEU A 174 -27.11 -11.37 -12.69
N ALA A 175 -26.19 -10.60 -12.11
CA ALA A 175 -24.87 -11.06 -11.76
C ALA A 175 -25.02 -12.09 -10.69
N LEU A 176 -25.90 -11.85 -9.73
CA LEU A 176 -26.09 -12.73 -8.57
C LEU A 176 -26.74 -14.08 -8.95
N LEU A 177 -27.62 -14.13 -9.96
CA LEU A 177 -28.19 -15.39 -10.45
C LEU A 177 -27.12 -16.27 -11.10
N CYS A 178 -26.28 -15.67 -11.95
CA CYS A 178 -25.18 -16.36 -12.64
C CYS A 178 -24.18 -16.94 -11.64
N GLN A 179 -23.90 -16.19 -10.56
CA GLN A 179 -23.02 -16.52 -9.44
C GLN A 179 -23.50 -17.84 -8.80
N ASN A 180 -24.83 -18.02 -8.70
CA ASN A 180 -25.47 -19.23 -8.17
C ASN A 180 -25.39 -20.42 -9.11
N GLN A 181 -25.14 -20.16 -10.39
CA GLN A 181 -24.99 -21.18 -11.42
C GLN A 181 -23.51 -21.49 -11.65
N GLY A 182 -22.62 -20.74 -11.01
CA GLY A 182 -21.18 -20.90 -11.16
C GLY A 182 -20.65 -20.36 -12.49
N LYS A 183 -21.48 -19.57 -13.23
CA LYS A 183 -21.11 -18.95 -14.52
C LYS A 183 -20.35 -17.68 -14.21
N ALA A 184 -19.06 -17.81 -13.84
CA ALA A 184 -18.23 -16.70 -13.37
C ALA A 184 -17.92 -15.66 -14.45
N GLU A 185 -17.69 -16.08 -15.67
CA GLU A 185 -17.37 -15.19 -16.77
C GLU A 185 -18.49 -14.20 -17.07
N GLU A 186 -19.74 -14.64 -16.89
CA GLU A 186 -20.92 -13.78 -17.06
C GLU A 186 -21.10 -12.82 -15.89
N VAL A 187 -20.87 -13.32 -14.64
CA VAL A 187 -20.92 -12.52 -13.40
C VAL A 187 -19.95 -11.35 -13.56
N GLU A 188 -18.72 -11.63 -13.99
CA GLU A 188 -17.65 -10.67 -14.27
C GLU A 188 -18.21 -9.62 -15.21
N TYR A 189 -18.85 -10.04 -16.32
CA TYR A 189 -19.47 -9.15 -17.30
C TYR A 189 -20.56 -8.26 -16.69
N TYR A 190 -21.51 -8.85 -15.92
CA TYR A 190 -22.63 -8.12 -15.32
C TYR A 190 -22.23 -7.15 -14.21
N TYR A 191 -21.21 -7.52 -13.39
CA TYR A 191 -20.69 -6.61 -12.36
C TYR A 191 -19.88 -5.46 -12.96
N ARG A 192 -19.15 -5.71 -14.04
CA ARG A 192 -18.41 -4.68 -14.74
C ARG A 192 -19.39 -3.67 -15.33
N ARG A 193 -20.49 -4.16 -15.96
CA ARG A 193 -21.57 -3.33 -16.51
C ARG A 193 -22.22 -2.48 -15.43
N ALA A 194 -22.54 -3.10 -14.27
CA ALA A 194 -23.18 -2.42 -13.13
C ALA A 194 -22.24 -1.38 -12.51
N LEU A 195 -20.97 -1.76 -12.26
CA LEU A 195 -19.98 -0.86 -11.72
C LEU A 195 -19.81 0.34 -12.64
N GLU A 196 -19.78 0.08 -13.95
CA GLU A 196 -19.68 1.09 -14.98
C GLU A 196 -20.72 2.18 -14.73
N ILE A 197 -21.98 1.79 -14.47
CA ILE A 197 -23.07 2.73 -14.20
C ILE A 197 -22.91 3.42 -12.85
N TYR A 198 -22.76 2.63 -11.77
CA TYR A 198 -22.63 3.14 -10.39
C TYR A 198 -21.50 4.15 -10.22
N ALA A 199 -20.29 3.79 -10.64
CA ALA A 199 -19.12 4.66 -10.49
C ALA A 199 -19.25 5.95 -11.27
N THR A 200 -19.85 5.89 -12.45
CA THR A 200 -20.00 7.08 -13.27
C THR A 200 -21.17 7.96 -12.86
N ARG A 201 -22.39 7.39 -12.81
CA ARG A 201 -23.64 8.10 -12.51
C ARG A 201 -23.77 8.60 -11.07
N LEU A 202 -23.10 7.93 -10.12
CA LEU A 202 -23.13 8.28 -8.70
C LEU A 202 -21.71 8.64 -8.21
N GLY A 203 -21.64 9.38 -7.10
CA GLY A 203 -20.39 9.81 -6.50
C GLY A 203 -19.42 8.68 -6.18
N PRO A 204 -18.11 8.96 -6.09
CA PRO A 204 -17.14 7.89 -5.78
C PRO A 204 -17.25 7.33 -4.36
N ASP A 205 -17.97 8.06 -3.50
CA ASP A 205 -18.25 7.71 -2.12
C ASP A 205 -19.58 6.92 -1.96
N ASP A 206 -20.27 6.62 -3.09
CA ASP A 206 -21.52 5.84 -3.07
C ASP A 206 -21.24 4.37 -2.64
N PRO A 207 -22.03 3.84 -1.69
CA PRO A 207 -21.78 2.48 -1.17
C PRO A 207 -21.92 1.36 -2.20
N ASN A 208 -22.74 1.56 -3.24
CA ASN A 208 -22.95 0.59 -4.30
C ASN A 208 -21.68 0.30 -5.06
N VAL A 209 -20.81 1.30 -5.17
CA VAL A 209 -19.51 1.20 -5.85
C VAL A 209 -18.65 0.17 -5.12
N ALA A 210 -18.42 0.39 -3.82
CA ALA A 210 -17.62 -0.52 -3.01
C ALA A 210 -18.23 -1.92 -2.95
N LYS A 211 -19.56 -2.01 -2.80
CA LYS A 211 -20.29 -3.28 -2.72
C LYS A 211 -20.15 -4.09 -4.00
N THR A 212 -20.27 -3.42 -5.18
CA THR A 212 -20.13 -4.07 -6.48
C THR A 212 -18.67 -4.48 -6.68
N LYS A 213 -17.72 -3.62 -6.26
CA LYS A 213 -16.30 -3.89 -6.36
C LYS A 213 -15.91 -5.12 -5.54
N ASN A 214 -16.43 -5.25 -4.29
CA ASN A 214 -16.22 -6.43 -3.43
C ASN A 214 -16.75 -7.68 -4.11
N ASN A 215 -17.97 -7.59 -4.67
CA ASN A 215 -18.66 -8.66 -5.40
C ASN A 215 -17.89 -9.13 -6.62
N LEU A 216 -17.33 -8.19 -7.37
CA LEU A 216 -16.50 -8.50 -8.53
C LEU A 216 -15.15 -9.08 -8.06
N ALA A 217 -14.64 -8.62 -6.92
CA ALA A 217 -13.39 -9.13 -6.38
C ALA A 217 -13.52 -10.59 -6.02
N SER A 218 -14.61 -10.95 -5.32
CA SER A 218 -14.84 -12.35 -4.95
C SER A 218 -14.88 -13.22 -6.20
N CYS A 219 -15.52 -12.72 -7.28
CA CYS A 219 -15.64 -13.36 -8.60
C CYS A 219 -14.20 -13.59 -9.14
N TYR A 220 -13.35 -12.57 -9.03
CA TYR A 220 -11.98 -12.67 -9.49
C TYR A 220 -11.21 -13.71 -8.69
N LEU A 221 -11.43 -13.77 -7.35
CA LEU A 221 -10.80 -14.73 -6.47
C LEU A 221 -11.14 -16.15 -6.84
N LYS A 222 -12.42 -16.37 -7.18
CA LYS A 222 -12.94 -17.68 -7.56
C LYS A 222 -12.31 -18.21 -8.82
N GLN A 223 -11.99 -17.32 -9.76
CA GLN A 223 -11.36 -17.69 -11.01
C GLN A 223 -9.80 -17.85 -10.86
N GLY A 224 -9.24 -17.50 -9.70
CA GLY A 224 -7.80 -17.52 -9.43
C GLY A 224 -7.06 -16.31 -9.99
N LYS A 225 -7.80 -15.21 -10.29
CA LYS A 225 -7.29 -13.93 -10.82
C LYS A 225 -7.00 -13.03 -9.62
N TYR A 226 -6.01 -13.43 -8.80
CA TYR A 226 -5.70 -12.77 -7.54
C TYR A 226 -5.24 -11.34 -7.68
N GLN A 227 -4.47 -11.05 -8.74
CA GLN A 227 -4.02 -9.68 -8.99
C GLN A 227 -5.19 -8.75 -9.24
N ASP A 228 -6.10 -9.15 -10.14
CA ASP A 228 -7.27 -8.36 -10.49
C ASP A 228 -8.17 -8.05 -9.25
N ALA A 229 -8.23 -8.99 -8.29
CA ALA A 229 -8.97 -8.82 -7.03
C ALA A 229 -8.23 -7.84 -6.12
N GLU A 230 -6.91 -8.02 -5.98
CA GLU A 230 -6.04 -7.17 -5.17
C GLU A 230 -6.19 -5.70 -5.59
N THR A 231 -6.15 -5.42 -6.92
CA THR A 231 -6.31 -4.08 -7.47
C THR A 231 -7.63 -3.47 -7.02
N LEU A 232 -8.72 -4.21 -7.16
CA LEU A 232 -10.03 -3.73 -6.76
C LEU A 232 -10.09 -3.38 -5.30
N TYR A 233 -9.52 -4.23 -4.42
CA TYR A 233 -9.49 -3.96 -2.99
C TYR A 233 -8.71 -2.68 -2.68
N LYS A 234 -7.58 -2.48 -3.35
CA LYS A 234 -6.75 -1.28 -3.17
C LYS A 234 -7.48 -0.02 -3.61
N GLU A 235 -8.35 -0.13 -4.64
CA GLU A 235 -9.13 0.99 -5.14
C GLU A 235 -10.11 1.48 -4.10
N ILE A 236 -10.78 0.55 -3.42
CA ILE A 236 -11.75 0.85 -2.36
C ILE A 236 -11.06 1.58 -1.22
N LEU A 237 -9.91 1.05 -0.75
CA LEU A 237 -9.17 1.64 0.36
C LEU A 237 -8.59 2.98 0.04
N THR A 238 -8.04 3.14 -1.17
CA THR A 238 -7.46 4.40 -1.64
C THR A 238 -8.54 5.49 -1.71
N ARG A 239 -9.70 5.15 -2.31
CA ARG A 239 -10.83 6.05 -2.43
C ARG A 239 -11.34 6.47 -1.06
N ALA A 240 -11.47 5.49 -0.13
CA ALA A 240 -11.93 5.72 1.23
C ALA A 240 -10.92 6.52 2.06
N HIS A 241 -9.62 6.40 1.73
CA HIS A 241 -8.57 7.16 2.41
C HIS A 241 -8.73 8.64 2.03
N GLU A 242 -9.12 8.91 0.78
CA GLU A 242 -9.31 10.26 0.27
C GLU A 242 -10.61 10.92 0.72
N LYS A 243 -11.52 10.16 1.34
CA LYS A 243 -12.81 10.71 1.74
C LYS A 243 -12.73 11.46 3.08
N GLU A 244 -11.54 11.52 3.70
CA GLU A 244 -11.29 12.23 4.94
C GLU A 244 -9.91 12.89 4.99
N PHE A 245 -8.90 12.25 4.39
CA PHE A 245 -7.51 12.71 4.43
C PHE A 245 -7.12 13.53 3.21
N GLY A 246 -7.98 14.49 2.86
CA GLY A 246 -7.78 15.48 1.80
C GLY A 246 -7.02 15.09 0.54
N SER A 247 -6.09 15.99 0.08
CA SER A 247 -5.25 16.04 -1.12
C SER A 247 -4.33 14.83 -1.44
N VAL A 248 -4.37 13.72 -0.63
CA VAL A 248 -3.55 12.48 -0.71
C VAL A 248 -2.04 12.84 -1.02
N ASN A 249 -1.46 13.58 -0.06
CA ASN A 249 -0.09 14.11 0.04
C ASN A 249 0.96 13.00 -0.09
N GLY A 250 2.21 13.40 -0.35
CA GLY A 250 3.33 12.47 -0.48
C GLY A 250 3.53 11.61 0.76
N GLU A 251 3.50 12.27 1.93
CA GLU A 251 3.64 11.63 3.22
C GLU A 251 2.29 11.07 3.74
N ASN A 252 1.18 11.40 3.03
CA ASN A 252 -0.19 10.91 3.29
C ASN A 252 -0.57 9.82 2.26
N LYS A 253 -0.20 8.59 2.63
CA LYS A 253 -0.39 7.37 1.85
C LYS A 253 -1.53 6.52 2.43
N PRO A 254 -2.21 5.69 1.60
CA PRO A 254 -3.28 4.82 2.14
C PRO A 254 -2.73 3.65 2.95
N ILE A 255 -3.55 3.09 3.84
CA ILE A 255 -3.20 2.01 4.76
C ILE A 255 -2.39 0.88 4.11
N TRP A 256 -2.81 0.38 2.94
CA TRP A 256 -2.15 -0.73 2.25
C TRP A 256 -0.71 -0.45 1.85
N MET A 257 -0.40 0.82 1.59
CA MET A 257 0.97 1.23 1.26
C MET A 257 1.83 1.11 2.51
N HIS A 258 1.34 1.62 3.65
CA HIS A 258 2.03 1.53 4.93
C HIS A 258 2.23 0.08 5.31
N ALA A 259 1.24 -0.78 4.99
CA ALA A 259 1.28 -2.20 5.25
C ALA A 259 2.42 -2.85 4.49
N GLU A 260 2.52 -2.56 3.18
CA GLU A 260 3.55 -3.14 2.32
C GLU A 260 4.93 -2.58 2.64
N GLU A 261 4.99 -1.29 3.01
CA GLU A 261 6.24 -0.62 3.38
C GLU A 261 6.74 -1.17 4.71
N ARG A 262 5.80 -1.60 5.58
CA ARG A 262 6.14 -2.20 6.86
C ARG A 262 6.80 -3.55 6.62
N GLU A 263 6.44 -4.20 5.51
CA GLU A 263 7.04 -5.48 5.13
C GLU A 263 8.54 -5.37 4.79
N GLU A 264 9.11 -4.18 5.01
CA GLU A 264 10.53 -3.93 4.83
C GLU A 264 11.27 -4.01 6.17
N SER A 265 11.20 -5.18 6.84
CA SER A 265 11.88 -5.42 8.13
C SER A 265 12.36 -6.86 8.31
N ALA A 284 -3.31 4.51 12.72
CA ALA A 284 -3.94 5.83 12.69
C ALA A 284 -5.28 5.84 11.90
N CYS A 285 -5.77 4.66 11.49
CA CYS A 285 -6.87 4.38 10.57
C CYS A 285 -8.25 4.02 11.16
N LYS A 286 -8.66 4.49 12.34
CA LYS A 286 -9.98 4.06 12.86
C LYS A 286 -11.15 4.50 11.94
N VAL A 287 -11.68 3.52 11.14
CA VAL A 287 -12.79 3.70 10.17
C VAL A 287 -13.92 2.65 10.40
N ASP A 288 -15.05 3.11 11.00
CA ASP A 288 -16.21 2.31 11.37
C ASP A 288 -17.19 2.00 10.19
N SER A 289 -16.65 1.91 8.95
CA SER A 289 -17.41 1.56 7.74
C SER A 289 -17.46 0.02 7.60
N PRO A 290 -18.65 -0.60 7.50
CA PRO A 290 -18.70 -2.08 7.47
C PRO A 290 -18.16 -2.72 6.20
N THR A 291 -18.33 -2.03 5.07
CA THR A 291 -17.86 -2.48 3.76
C THR A 291 -16.33 -2.40 3.71
N VAL A 292 -15.76 -1.28 4.21
CA VAL A 292 -14.31 -1.04 4.30
C VAL A 292 -13.68 -2.15 5.14
N ASN A 293 -14.26 -2.44 6.32
CA ASN A 293 -13.80 -3.48 7.22
C ASN A 293 -13.64 -4.81 6.49
N THR A 294 -14.65 -5.21 5.72
CA THR A 294 -14.62 -6.43 4.92
C THR A 294 -13.46 -6.38 3.92
N THR A 295 -13.31 -5.25 3.21
CA THR A 295 -12.23 -5.03 2.25
C THR A 295 -10.86 -5.21 2.93
N LEU A 296 -10.69 -4.62 4.11
CA LEU A 296 -9.45 -4.74 4.88
C LEU A 296 -9.10 -6.18 5.18
N ARG A 297 -10.10 -6.95 5.61
CA ARG A 297 -9.89 -8.36 5.96
C ARG A 297 -9.59 -9.21 4.73
N SER A 298 -10.24 -8.87 3.59
CA SER A 298 -10.07 -9.58 2.33
C SER A 298 -8.71 -9.35 1.71
N LEU A 299 -8.26 -8.10 1.65
CA LEU A 299 -6.92 -7.79 1.14
C LEU A 299 -5.87 -8.38 2.08
N GLY A 300 -6.16 -8.37 3.38
CA GLY A 300 -5.31 -8.98 4.39
C GLY A 300 -5.08 -10.45 4.09
N ALA A 301 -6.09 -11.13 3.60
CA ALA A 301 -5.99 -12.53 3.29
C ALA A 301 -5.10 -12.79 2.08
N LEU A 302 -5.08 -11.84 1.14
CA LEU A 302 -4.26 -11.94 -0.07
C LEU A 302 -2.80 -11.76 0.28
N TYR A 303 -2.50 -10.85 1.23
CA TYR A 303 -1.13 -10.66 1.69
C TYR A 303 -0.66 -11.92 2.39
N ARG A 304 -1.57 -12.57 3.16
CA ARG A 304 -1.28 -13.83 3.86
C ARG A 304 -0.92 -14.92 2.86
N ARG A 305 -1.64 -14.97 1.73
CA ARG A 305 -1.38 -15.94 0.67
C ARG A 305 0.00 -15.69 0.05
N GLN A 306 0.39 -14.40 -0.06
CA GLN A 306 1.68 -13.99 -0.64
C GLN A 306 2.85 -14.09 0.37
N GLY A 307 2.55 -14.45 1.62
CA GLY A 307 3.56 -14.56 2.66
C GLY A 307 3.97 -13.24 3.27
N LYS A 308 3.26 -12.15 2.94
CA LYS A 308 3.50 -10.81 3.51
C LYS A 308 2.67 -10.70 4.78
N LEU A 309 3.08 -11.42 5.80
CA LEU A 309 2.34 -11.55 7.04
C LEU A 309 2.29 -10.28 7.88
N GLU A 310 3.33 -9.45 7.84
CA GLU A 310 3.33 -8.20 8.60
C GLU A 310 2.38 -7.19 7.97
N ALA A 311 2.27 -7.20 6.63
CA ALA A 311 1.34 -6.34 5.91
C ALA A 311 -0.09 -6.74 6.28
N ALA A 312 -0.32 -8.06 6.35
CA ALA A 312 -1.62 -8.62 6.72
C ALA A 312 -2.06 -8.17 8.11
N HIS A 313 -1.17 -8.26 9.10
CA HIS A 313 -1.48 -7.83 10.46
C HIS A 313 -1.88 -6.37 10.52
N THR A 314 -1.23 -5.53 9.71
CA THR A 314 -1.49 -4.10 9.66
C THR A 314 -2.96 -3.83 9.37
N LEU A 315 -3.46 -4.40 8.26
CA LEU A 315 -4.84 -4.21 7.84
C LEU A 315 -5.81 -4.90 8.78
N GLU A 316 -5.43 -6.07 9.28
CA GLU A 316 -6.29 -6.86 10.17
C GLU A 316 -6.50 -6.17 11.50
N ASP A 317 -5.41 -5.64 12.06
CA ASP A 317 -5.48 -4.92 13.33
C ASP A 317 -6.26 -3.62 13.20
N CYS A 318 -6.26 -3.03 11.99
CA CYS A 318 -7.03 -1.84 11.69
C CYS A 318 -8.51 -2.18 11.74
N ALA A 319 -8.91 -3.31 11.11
CA ALA A 319 -10.29 -3.75 11.07
C ALA A 319 -10.85 -4.05 12.44
N SER A 320 -10.14 -4.87 13.24
CA SER A 320 -10.57 -5.29 14.58
C SER A 320 -10.57 -4.15 15.61
N ARG A 321 -9.94 -3.01 15.29
CA ARG A 321 -9.95 -1.83 16.17
C ARG A 321 -11.18 -0.97 15.84
N SER A 322 -11.50 -0.84 14.54
CA SER A 322 -12.63 -0.04 14.06
C SER A 322 -14.00 -0.76 14.15
N ARG A 323 -14.12 -1.79 15.00
CA ARG A 323 -15.35 -2.57 15.19
C ARG A 323 -15.67 -2.80 16.66
N PRO B 39 40.50 15.18 -3.06
CA PRO B 39 41.56 15.60 -3.99
C PRO B 39 42.19 16.94 -3.61
N ALA B 40 43.40 17.23 -4.11
CA ALA B 40 44.09 18.52 -3.86
C ALA B 40 43.30 19.61 -4.63
N LEU B 41 43.22 20.87 -4.10
CA LEU B 41 42.46 22.01 -4.71
C LEU B 41 42.99 22.42 -6.12
N ARG B 42 43.91 21.60 -6.66
CA ARG B 42 44.38 21.62 -8.01
C ARG B 42 43.33 20.71 -8.66
N LEU B 43 43.37 19.38 -8.40
CA LEU B 43 42.44 18.34 -8.90
C LEU B 43 40.93 18.60 -8.59
N THR B 44 40.61 19.62 -7.75
CA THR B 44 39.22 20.05 -7.43
C THR B 44 38.82 21.29 -8.26
N LEU B 45 39.67 22.36 -8.29
CA LEU B 45 39.36 23.55 -9.09
C LEU B 45 39.44 23.20 -10.56
N HIS B 46 40.38 22.28 -10.91
CA HIS B 46 40.62 21.67 -12.23
C HIS B 46 39.23 21.13 -12.65
N ASN B 47 38.67 20.28 -11.76
CA ASN B 47 37.38 19.59 -11.83
C ASN B 47 36.20 20.56 -11.88
N LEU B 48 36.24 21.66 -11.10
CA LEU B 48 35.19 22.67 -11.00
C LEU B 48 34.90 23.36 -12.34
N VAL B 49 35.94 23.54 -13.15
CA VAL B 49 35.81 24.19 -14.45
C VAL B 49 35.27 23.20 -15.50
N ILE B 50 35.54 21.87 -15.34
CA ILE B 50 35.02 20.83 -16.25
C ILE B 50 33.53 21.04 -16.40
N GLN B 51 32.83 21.04 -15.26
CA GLN B 51 31.40 21.24 -15.15
C GLN B 51 31.00 22.64 -15.62
N TYR B 52 31.83 23.65 -15.28
CA TYR B 52 31.59 25.05 -15.57
C TYR B 52 31.57 25.38 -17.07
N ALA B 53 32.64 25.04 -17.82
CA ALA B 53 32.69 25.35 -19.25
C ALA B 53 31.74 24.48 -20.09
N SER B 54 31.38 23.27 -19.62
CA SER B 54 30.46 22.35 -20.30
C SER B 54 28.99 22.77 -20.18
N GLN B 55 28.68 23.61 -19.16
CA GLN B 55 27.34 24.14 -18.89
C GLN B 55 26.88 24.98 -20.10
N GLY B 56 27.76 25.85 -20.60
CA GLY B 56 27.51 26.66 -21.78
C GLY B 56 27.73 25.85 -23.05
N ARG B 57 27.61 24.50 -22.94
CA ARG B 57 27.79 23.48 -23.99
C ARG B 57 29.15 23.57 -24.72
N TYR B 58 30.15 24.19 -24.06
CA TYR B 58 31.48 24.34 -24.65
C TYR B 58 32.29 23.07 -24.60
N GLU B 59 31.88 22.08 -25.42
CA GLU B 59 32.60 20.83 -25.56
C GLU B 59 33.85 21.15 -26.37
N VAL B 60 34.72 20.17 -26.63
CA VAL B 60 36.04 20.35 -27.26
C VAL B 60 36.93 21.02 -26.17
N ALA B 61 36.52 22.19 -25.66
CA ALA B 61 37.18 22.88 -24.58
C ALA B 61 37.34 21.96 -23.37
N VAL B 62 36.23 21.50 -22.82
CA VAL B 62 36.16 20.64 -21.64
C VAL B 62 36.75 19.21 -21.84
N PRO B 63 36.37 18.45 -22.91
CA PRO B 63 36.88 17.07 -23.06
C PRO B 63 38.35 16.86 -22.78
N LEU B 64 39.18 17.83 -23.17
CA LEU B 64 40.63 17.80 -23.03
C LEU B 64 41.10 17.92 -21.59
N CYS B 65 40.40 18.76 -20.81
CA CYS B 65 40.69 19.02 -19.40
C CYS B 65 40.38 17.82 -18.55
N LYS B 66 39.21 17.23 -18.76
CA LYS B 66 38.73 16.06 -18.06
C LYS B 66 39.71 14.92 -18.14
N GLN B 67 40.37 14.76 -19.31
CA GLN B 67 41.35 13.73 -19.56
C GLN B 67 42.58 14.01 -18.70
N ALA B 68 43.12 15.27 -18.77
CA ALA B 68 44.29 15.74 -17.99
C ALA B 68 44.11 15.49 -16.49
N LEU B 69 42.86 15.61 -16.02
CA LEU B 69 42.44 15.37 -14.65
C LEU B 69 42.54 13.89 -14.32
N GLU B 70 41.92 13.02 -15.17
CA GLU B 70 41.92 11.57 -15.01
C GLU B 70 43.29 10.96 -15.00
N ASP B 71 44.23 11.58 -15.72
CA ASP B 71 45.60 11.12 -15.78
C ASP B 71 46.29 11.39 -14.45
N LEU B 72 46.05 12.61 -13.90
CA LEU B 72 46.58 13.05 -12.61
C LEU B 72 46.01 12.19 -11.48
N GLU B 73 44.72 11.85 -11.57
CA GLU B 73 44.03 11.02 -10.59
C GLU B 73 44.53 9.58 -10.61
N LYS B 74 44.72 8.99 -11.81
CA LYS B 74 45.17 7.60 -11.94
C LYS B 74 46.66 7.44 -11.58
N THR B 75 47.44 8.53 -11.53
CA THR B 75 48.83 8.44 -11.07
C THR B 75 48.87 8.68 -9.55
N SER B 76 48.11 9.67 -9.06
CA SER B 76 48.02 10.04 -7.65
C SER B 76 46.82 9.40 -6.89
N GLY B 77 46.54 8.13 -7.17
CA GLY B 77 45.47 7.42 -6.50
C GLY B 77 44.50 6.70 -7.42
N HIS B 78 44.73 5.38 -7.61
CA HIS B 78 43.98 4.47 -8.49
C HIS B 78 43.46 3.19 -7.76
N ASP B 79 42.31 2.54 -8.18
CA ASP B 79 41.38 2.86 -9.29
C ASP B 79 40.29 3.89 -8.87
N HIS B 80 40.16 4.14 -7.54
CA HIS B 80 39.36 5.09 -6.73
C HIS B 80 38.03 5.61 -7.33
N PRO B 81 36.98 5.82 -6.49
CA PRO B 81 35.69 6.33 -6.97
C PRO B 81 35.68 7.66 -7.71
N ASP B 82 36.66 8.55 -7.51
CA ASP B 82 36.65 9.84 -8.21
C ASP B 82 36.98 9.74 -9.68
N VAL B 83 37.86 8.77 -10.03
CA VAL B 83 38.27 8.42 -11.40
C VAL B 83 36.99 8.05 -12.17
N ALA B 84 36.05 7.35 -11.50
CA ALA B 84 34.76 6.93 -12.03
C ALA B 84 33.82 8.13 -12.30
N THR B 85 33.80 9.15 -11.40
CA THR B 85 32.96 10.34 -11.55
C THR B 85 33.39 11.14 -12.78
N MET B 86 34.69 11.16 -13.03
CA MET B 86 35.23 11.84 -14.18
C MET B 86 34.91 11.09 -15.46
N LEU B 87 35.02 9.73 -15.47
CA LEU B 87 34.69 8.87 -16.60
C LEU B 87 33.25 9.11 -16.98
N ASN B 88 32.40 9.34 -15.96
CA ASN B 88 30.97 9.60 -16.08
C ASN B 88 30.73 10.89 -16.84
N ILE B 89 31.44 11.96 -16.48
CA ILE B 89 31.29 13.25 -17.15
C ILE B 89 31.76 13.16 -18.58
N LEU B 90 32.90 12.45 -18.80
CA LEU B 90 33.49 12.23 -20.12
C LEU B 90 32.57 11.40 -21.02
N ALA B 91 31.86 10.39 -20.43
CA ALA B 91 30.88 9.53 -21.11
C ALA B 91 29.67 10.35 -21.56
N LEU B 92 29.22 11.28 -20.71
CA LEU B 92 28.10 12.19 -20.98
C LEU B 92 28.44 13.12 -22.16
N VAL B 93 29.66 13.72 -22.15
CA VAL B 93 30.13 14.61 -23.20
C VAL B 93 30.28 13.88 -24.54
N TYR B 94 30.75 12.61 -24.52
CA TYR B 94 30.87 11.78 -25.72
C TYR B 94 29.49 11.48 -26.33
N ARG B 95 28.46 11.22 -25.48
CA ARG B 95 27.07 10.97 -25.89
C ARG B 95 26.53 12.20 -26.62
N ASP B 96 26.87 13.41 -26.12
CA ASP B 96 26.45 14.70 -26.68
C ASP B 96 27.16 15.01 -28.01
N GLN B 97 28.28 14.34 -28.26
CA GLN B 97 29.03 14.47 -29.51
C GLN B 97 28.65 13.29 -30.44
N ASN B 98 27.69 12.45 -30.01
CA ASN B 98 27.17 11.26 -30.71
C ASN B 98 28.21 10.13 -30.88
N LYS B 99 29.31 10.16 -30.10
CA LYS B 99 30.33 9.10 -30.08
C LYS B 99 29.83 8.07 -29.09
N TYR B 100 28.78 7.33 -29.47
CA TYR B 100 28.08 6.37 -28.61
C TYR B 100 28.91 5.17 -28.18
N LYS B 101 29.70 4.60 -29.11
CA LYS B 101 30.58 3.43 -28.87
C LYS B 101 31.55 3.74 -27.73
N ASP B 102 32.16 4.94 -27.81
CA ASP B 102 33.13 5.49 -26.86
C ASP B 102 32.47 5.82 -25.52
N ALA B 103 31.27 6.46 -25.57
CA ALA B 103 30.49 6.86 -24.41
C ALA B 103 30.13 5.66 -23.53
N ALA B 104 29.55 4.61 -24.16
CA ALA B 104 29.11 3.38 -23.50
C ALA B 104 30.28 2.65 -22.83
N HIS B 105 31.43 2.56 -23.54
CA HIS B 105 32.62 1.90 -23.04
C HIS B 105 33.12 2.46 -21.71
N LEU B 106 33.11 3.80 -21.58
CA LEU B 106 33.55 4.51 -20.40
C LEU B 106 32.66 4.29 -19.20
N LEU B 107 31.33 4.34 -19.41
CA LEU B 107 30.38 4.15 -18.31
C LEU B 107 30.48 2.79 -17.70
N ASN B 108 30.75 1.77 -18.53
CA ASN B 108 30.94 0.39 -18.10
C ASN B 108 32.13 0.29 -17.14
N ASP B 109 33.22 1.01 -17.47
CA ASP B 109 34.43 1.07 -16.65
C ASP B 109 34.20 1.86 -15.36
N ALA B 110 33.37 2.90 -15.41
CA ALA B 110 32.99 3.71 -14.24
C ALA B 110 32.10 2.88 -13.33
N LEU B 111 31.26 2.03 -13.93
CA LEU B 111 30.37 1.14 -13.20
C LEU B 111 31.17 0.10 -12.44
N ALA B 112 32.12 -0.56 -13.11
CA ALA B 112 32.96 -1.57 -12.50
C ALA B 112 33.76 -1.00 -11.33
N ILE B 113 34.25 0.26 -11.45
CA ILE B 113 35.01 0.96 -10.41
C ILE B 113 34.09 1.20 -9.21
N ARG B 114 32.89 1.74 -9.46
CA ARG B 114 31.90 2.04 -8.42
C ARG B 114 31.36 0.81 -7.72
N GLU B 115 31.30 -0.33 -8.43
CA GLU B 115 30.84 -1.59 -7.87
C GLU B 115 31.88 -2.17 -6.93
N LYS B 116 33.16 -1.98 -7.27
CA LYS B 116 34.25 -2.47 -6.43
C LYS B 116 34.35 -1.60 -5.17
N THR B 117 34.41 -0.28 -5.34
CA THR B 117 34.58 0.70 -4.26
C THR B 117 33.32 0.92 -3.44
N LEU B 118 32.31 1.62 -4.01
CA LEU B 118 31.07 1.96 -3.32
C LEU B 118 30.14 0.77 -3.11
N GLY B 119 30.37 -0.31 -3.88
CA GLY B 119 29.62 -1.55 -3.80
C GLY B 119 28.24 -1.53 -4.43
N LYS B 120 27.60 -2.71 -4.49
CA LYS B 120 26.23 -2.85 -5.01
C LYS B 120 25.25 -2.12 -4.11
N ASP B 121 24.11 -1.69 -4.66
CA ASP B 121 23.03 -0.97 -3.95
C ASP B 121 23.38 0.47 -3.58
N HIS B 122 24.54 0.97 -4.04
CA HIS B 122 24.92 2.33 -3.73
C HIS B 122 24.23 3.33 -4.68
N PRO B 123 23.68 4.46 -4.16
CA PRO B 123 22.97 5.45 -5.02
C PRO B 123 23.70 5.93 -6.27
N ALA B 124 25.02 6.08 -6.19
CA ALA B 124 25.83 6.52 -7.31
C ALA B 124 25.87 5.44 -8.40
N VAL B 125 25.73 4.14 -8.01
CA VAL B 125 25.70 2.99 -8.92
C VAL B 125 24.37 2.99 -9.69
N ALA B 126 23.31 3.51 -9.06
CA ALA B 126 21.97 3.59 -9.64
C ALA B 126 21.95 4.56 -10.80
N ALA B 127 22.56 5.77 -10.62
CA ALA B 127 22.63 6.81 -11.63
C ALA B 127 23.39 6.34 -12.86
N THR B 128 24.55 5.66 -12.63
CA THR B 128 25.41 5.11 -13.69
C THR B 128 24.65 4.10 -14.55
N LEU B 129 23.97 3.14 -13.89
CA LEU B 129 23.17 2.12 -14.56
C LEU B 129 22.12 2.75 -15.45
N ASN B 130 21.45 3.82 -14.97
CA ASN B 130 20.44 4.56 -15.72
C ASN B 130 21.04 5.21 -16.95
N ASN B 131 22.17 5.90 -16.79
CA ASN B 131 22.88 6.57 -17.88
C ASN B 131 23.32 5.57 -18.95
N LEU B 132 23.77 4.38 -18.54
CA LEU B 132 24.18 3.33 -19.48
C LEU B 132 22.97 2.73 -20.19
N ALA B 133 21.83 2.59 -19.46
CA ALA B 133 20.55 2.08 -19.99
C ALA B 133 20.04 3.06 -21.02
N VAL B 134 20.21 4.37 -20.77
CA VAL B 134 19.84 5.48 -21.66
C VAL B 134 20.58 5.33 -22.98
N LEU B 135 21.94 5.26 -22.94
CA LEU B 135 22.80 5.11 -24.11
C LEU B 135 22.48 3.90 -24.95
N TYR B 136 22.11 2.80 -24.29
CA TYR B 136 21.73 1.54 -24.92
C TYR B 136 20.35 1.67 -25.62
N GLY B 137 19.41 2.40 -25.00
CA GLY B 137 18.08 2.66 -25.56
C GLY B 137 18.12 3.55 -26.79
N LYS B 138 19.04 4.56 -26.77
CA LYS B 138 19.32 5.52 -27.87
C LYS B 138 19.76 4.80 -29.14
N ARG B 139 20.41 3.64 -29.00
CA ARG B 139 20.87 2.84 -30.12
C ARG B 139 19.90 1.67 -30.45
N GLY B 140 18.79 1.60 -29.70
CA GLY B 140 17.80 0.56 -29.88
C GLY B 140 18.21 -0.79 -29.29
N LYS B 141 19.21 -0.80 -28.43
CA LYS B 141 19.65 -2.02 -27.74
C LYS B 141 18.85 -2.13 -26.45
N TYR B 142 17.57 -2.57 -26.59
CA TYR B 142 16.62 -2.69 -25.49
C TYR B 142 16.86 -3.91 -24.60
N LYS B 143 17.25 -5.03 -25.22
CA LYS B 143 17.52 -6.31 -24.56
C LYS B 143 18.54 -6.16 -23.45
N GLU B 144 19.69 -5.59 -23.77
CA GLU B 144 20.78 -5.36 -22.84
C GLU B 144 20.55 -4.15 -21.93
N ALA B 145 19.56 -3.31 -22.24
CA ALA B 145 19.21 -2.13 -21.44
C ALA B 145 18.27 -2.50 -20.27
N GLU B 146 17.38 -3.49 -20.47
CA GLU B 146 16.41 -4.00 -19.48
C GLU B 146 17.07 -4.41 -18.14
N PRO B 147 18.15 -5.26 -18.11
CA PRO B 147 18.72 -5.66 -16.81
C PRO B 147 19.30 -4.51 -16.03
N LEU B 148 19.97 -3.63 -16.76
CA LEU B 148 20.58 -2.45 -16.20
C LEU B 148 19.49 -1.59 -15.55
N CYS B 149 18.40 -1.36 -16.26
CA CYS B 149 17.29 -0.57 -15.78
C CYS B 149 16.54 -1.26 -14.64
N LYS B 150 16.42 -2.60 -14.69
CA LYS B 150 15.75 -3.40 -13.65
C LYS B 150 16.50 -3.26 -12.32
N ARG B 151 17.85 -3.33 -12.39
CA ARG B 151 18.70 -3.27 -11.23
C ARG B 151 18.67 -1.89 -10.59
N ALA B 152 18.69 -0.83 -11.41
CA ALA B 152 18.64 0.55 -10.96
C ALA B 152 17.41 0.82 -10.15
N LEU B 153 16.28 0.24 -10.59
CA LEU B 153 14.99 0.35 -9.90
C LEU B 153 15.03 -0.33 -8.51
N GLU B 154 15.67 -1.50 -8.42
CA GLU B 154 15.81 -2.26 -7.19
C GLU B 154 16.60 -1.48 -6.14
N ILE B 155 17.63 -0.77 -6.59
CA ILE B 155 18.46 0.04 -5.72
C ILE B 155 17.65 1.25 -5.25
N ARG B 156 16.91 1.89 -6.19
CA ARG B 156 16.07 3.06 -5.95
C ARG B 156 14.94 2.77 -4.94
N GLU B 157 14.44 1.52 -4.94
CA GLU B 157 13.42 1.07 -3.98
C GLU B 157 14.04 0.91 -2.58
N LYS B 158 15.31 0.48 -2.50
CA LYS B 158 16.02 0.30 -1.23
C LYS B 158 16.26 1.66 -0.58
N VAL B 159 16.72 2.63 -1.38
CA VAL B 159 17.07 4.00 -0.99
C VAL B 159 15.84 4.84 -0.61
N LEU B 160 14.89 4.98 -1.54
CA LEU B 160 13.72 5.86 -1.37
C LEU B 160 12.47 5.22 -0.79
N GLY B 161 12.34 3.92 -0.95
CA GLY B 161 11.15 3.20 -0.52
C GLY B 161 10.35 2.79 -1.75
N LYS B 162 9.62 1.71 -1.60
CA LYS B 162 8.83 1.13 -2.67
C LYS B 162 7.81 2.09 -3.28
N PHE B 163 7.35 3.14 -2.55
CA PHE B 163 6.29 3.99 -3.10
C PHE B 163 6.62 5.46 -3.32
N HIS B 164 7.91 5.76 -3.52
CA HIS B 164 8.37 7.11 -3.82
C HIS B 164 8.15 7.43 -5.34
N PRO B 165 7.78 8.69 -5.75
CA PRO B 165 7.50 8.96 -7.19
C PRO B 165 8.72 9.14 -8.13
N ASP B 166 9.95 9.21 -7.58
CA ASP B 166 11.23 9.27 -8.32
C ASP B 166 11.46 7.87 -8.90
N VAL B 167 10.88 6.88 -8.18
CA VAL B 167 10.81 5.42 -8.38
C VAL B 167 9.71 5.10 -9.47
N ALA B 168 8.53 5.81 -9.43
CA ALA B 168 7.43 5.69 -10.41
C ALA B 168 7.96 6.05 -11.83
N LYS B 169 8.94 6.99 -11.91
CA LYS B 169 9.69 7.35 -13.12
C LYS B 169 10.24 6.04 -13.65
N GLN B 170 11.11 5.35 -12.87
CA GLN B 170 11.82 4.11 -13.21
C GLN B 170 10.95 3.03 -13.75
N LEU B 171 9.67 3.06 -13.34
CA LEU B 171 8.70 2.08 -13.73
C LEU B 171 8.15 2.40 -15.12
N SER B 172 7.46 3.56 -15.31
CA SER B 172 6.93 3.98 -16.64
C SER B 172 8.12 4.50 -17.56
N ASN B 173 9.30 3.86 -17.42
CA ASN B 173 10.52 4.11 -18.18
C ASN B 173 11.08 2.73 -18.51
N LEU B 174 11.06 1.81 -17.47
CA LEU B 174 11.45 0.35 -17.48
C LEU B 174 10.37 -0.57 -18.10
N ALA B 175 9.10 -0.13 -17.96
CA ALA B 175 7.96 -0.75 -18.57
C ALA B 175 7.98 -0.37 -20.07
N LEU B 176 8.46 0.88 -20.42
CA LEU B 176 8.61 1.44 -21.78
C LEU B 176 9.92 1.04 -22.46
N LEU B 177 10.64 0.13 -21.82
CA LEU B 177 11.82 -0.57 -22.31
C LEU B 177 11.27 -1.80 -23.00
N CYS B 178 10.33 -2.47 -22.27
CA CYS B 178 9.61 -3.71 -22.58
C CYS B 178 8.30 -3.47 -23.37
N GLN B 179 7.97 -2.17 -23.61
CA GLN B 179 6.86 -1.73 -24.46
C GLN B 179 7.43 -1.71 -25.88
N ASN B 180 8.79 -1.67 -25.95
CA ASN B 180 9.54 -1.83 -27.16
C ASN B 180 9.72 -3.35 -27.39
N GLN B 181 10.20 -4.10 -26.36
CA GLN B 181 10.45 -5.55 -26.43
C GLN B 181 9.22 -6.49 -26.52
N GLY B 182 8.01 -5.94 -26.44
CA GLY B 182 6.79 -6.73 -26.45
C GLY B 182 6.96 -7.82 -25.41
N LYS B 183 7.00 -7.41 -24.14
CA LYS B 183 7.24 -8.32 -23.01
C LYS B 183 5.95 -8.55 -22.16
N ALA B 184 4.94 -7.73 -22.43
CA ALA B 184 3.55 -7.67 -21.98
C ALA B 184 3.16 -8.14 -20.56
N GLU B 185 3.44 -9.40 -20.15
CA GLU B 185 3.04 -9.89 -18.82
C GLU B 185 3.78 -9.12 -17.73
N GLU B 186 5.05 -8.77 -18.00
CA GLU B 186 5.92 -7.95 -17.16
C GLU B 186 5.47 -6.48 -17.20
N VAL B 187 5.16 -5.95 -18.38
CA VAL B 187 4.73 -4.56 -18.61
C VAL B 187 3.24 -4.30 -18.17
N GLU B 188 2.53 -5.37 -17.83
CA GLU B 188 1.24 -5.37 -17.16
C GLU B 188 1.61 -5.14 -15.68
N TYR B 189 2.56 -5.94 -15.15
CA TYR B 189 3.05 -5.85 -13.77
C TYR B 189 3.65 -4.49 -13.44
N TYR B 190 4.61 -4.00 -14.26
CA TYR B 190 5.30 -2.73 -14.03
C TYR B 190 4.39 -1.52 -14.20
N TYR B 191 3.43 -1.55 -15.16
CA TYR B 191 2.49 -0.44 -15.33
C TYR B 191 1.48 -0.37 -14.22
N ARG B 192 1.06 -1.53 -13.69
CA ARG B 192 0.13 -1.59 -12.58
C ARG B 192 0.79 -1.01 -11.36
N ARG B 193 2.08 -1.39 -11.12
CA ARG B 193 2.92 -0.88 -10.03
C ARG B 193 3.14 0.64 -10.16
N ALA B 194 3.41 1.11 -11.42
CA ALA B 194 3.60 2.52 -11.81
C ALA B 194 2.31 3.30 -11.56
N LEU B 195 1.19 2.84 -12.10
CA LEU B 195 -0.08 3.49 -11.95
C LEU B 195 -0.43 3.58 -10.49
N GLU B 196 -0.19 2.49 -9.74
CA GLU B 196 -0.45 2.41 -8.32
C GLU B 196 0.18 3.63 -7.62
N ILE B 197 1.46 3.94 -7.90
CA ILE B 197 2.16 5.09 -7.32
C ILE B 197 1.62 6.42 -7.85
N TYR B 198 1.56 6.60 -9.21
CA TYR B 198 1.08 7.83 -9.87
C TYR B 198 -0.32 8.27 -9.43
N ALA B 199 -1.30 7.36 -9.49
CA ALA B 199 -2.67 7.67 -9.14
C ALA B 199 -2.84 8.05 -7.69
N THR B 200 -2.08 7.39 -6.81
CA THR B 200 -2.20 7.66 -5.39
C THR B 200 -1.41 8.89 -4.95
N ARG B 201 -0.09 8.91 -5.20
CA ARG B 201 0.83 9.98 -4.79
C ARG B 201 0.60 11.33 -5.47
N LEU B 202 0.04 11.34 -6.70
CA LEU B 202 -0.27 12.53 -7.50
C LEU B 202 -1.78 12.65 -7.78
N GLY B 203 -2.24 13.87 -8.10
CA GLY B 203 -3.65 14.15 -8.37
C GLY B 203 -4.26 13.33 -9.49
N PRO B 204 -5.62 13.17 -9.54
CA PRO B 204 -6.24 12.36 -10.61
C PRO B 204 -6.15 13.01 -12.00
N ASP B 205 -5.80 14.29 -12.03
CA ASP B 205 -5.60 15.10 -13.23
C ASP B 205 -4.12 15.15 -13.69
N ASP B 206 -3.23 14.36 -13.03
CA ASP B 206 -1.81 14.26 -13.40
C ASP B 206 -1.68 13.53 -14.77
N PRO B 207 -0.89 14.08 -15.73
CA PRO B 207 -0.80 13.45 -17.06
C PRO B 207 -0.22 12.05 -17.09
N ASN B 208 0.67 11.73 -16.11
CA ASN B 208 1.30 10.40 -15.98
C ASN B 208 0.29 9.31 -15.78
N VAL B 209 -0.84 9.63 -15.11
CA VAL B 209 -1.93 8.71 -14.83
C VAL B 209 -2.55 8.27 -16.17
N ALA B 210 -3.03 9.22 -16.98
CA ALA B 210 -3.61 8.91 -18.28
C ALA B 210 -2.63 8.22 -19.21
N LYS B 211 -1.37 8.70 -19.22
CA LYS B 211 -0.31 8.13 -20.06
C LYS B 211 -0.01 6.68 -19.70
N THR B 212 0.05 6.37 -18.40
CA THR B 212 0.30 5.00 -17.91
C THR B 212 -0.91 4.13 -18.21
N LYS B 213 -2.12 4.70 -18.04
CA LYS B 213 -3.36 3.99 -18.32
C LYS B 213 -3.46 3.59 -19.78
N ASN B 214 -3.09 4.51 -20.72
CA ASN B 214 -3.06 4.24 -22.17
C ASN B 214 -2.07 3.12 -22.48
N ASN B 215 -0.89 3.20 -21.85
CA ASN B 215 0.19 2.24 -21.98
C ASN B 215 -0.20 0.86 -21.48
N LEU B 216 -0.93 0.79 -20.36
CA LEU B 216 -1.45 -0.47 -19.81
C LEU B 216 -2.61 -0.97 -20.70
N ALA B 217 -3.34 -0.02 -21.29
CA ALA B 217 -4.46 -0.26 -22.19
C ALA B 217 -4.00 -0.98 -23.42
N SER B 218 -2.90 -0.54 -24.02
CA SER B 218 -2.35 -1.17 -25.21
C SER B 218 -1.84 -2.57 -24.90
N CYS B 219 -1.22 -2.76 -23.71
CA CYS B 219 -0.71 -4.05 -23.24
C CYS B 219 -1.84 -5.04 -23.01
N TYR B 220 -3.00 -4.56 -22.52
CA TYR B 220 -4.16 -5.41 -22.36
C TYR B 220 -4.70 -5.83 -23.73
N LEU B 221 -4.69 -4.90 -24.73
CA LEU B 221 -5.13 -5.17 -26.11
C LEU B 221 -4.30 -6.25 -26.75
N LYS B 222 -2.99 -6.16 -26.56
CA LYS B 222 -2.04 -7.11 -27.12
C LYS B 222 -2.23 -8.51 -26.54
N GLN B 223 -2.62 -8.56 -25.23
CA GLN B 223 -2.94 -9.76 -24.44
C GLN B 223 -4.41 -10.21 -24.61
N GLY B 224 -5.10 -9.71 -25.66
CA GLY B 224 -6.49 -10.00 -26.01
C GLY B 224 -7.54 -9.82 -24.90
N LYS B 225 -7.17 -9.04 -23.86
CA LYS B 225 -7.99 -8.71 -22.70
C LYS B 225 -8.72 -7.40 -23.01
N TYR B 226 -9.61 -7.44 -24.02
CA TYR B 226 -10.33 -6.29 -24.55
C TYR B 226 -11.22 -5.56 -23.53
N GLN B 227 -11.88 -6.32 -22.64
CA GLN B 227 -12.71 -5.69 -21.62
C GLN B 227 -11.87 -4.87 -20.67
N ASP B 228 -10.77 -5.45 -20.17
CA ASP B 228 -9.84 -4.77 -19.25
C ASP B 228 -9.26 -3.45 -19.85
N ALA B 229 -9.06 -3.42 -21.19
CA ALA B 229 -8.59 -2.23 -21.92
C ALA B 229 -9.71 -1.20 -22.02
N GLU B 230 -10.93 -1.66 -22.38
CA GLU B 230 -12.13 -0.83 -22.50
C GLU B 230 -12.37 -0.07 -21.20
N THR B 231 -12.30 -0.76 -20.05
CA THR B 231 -12.48 -0.19 -18.71
C THR B 231 -11.49 0.97 -18.49
N LEU B 232 -10.22 0.73 -18.76
CA LEU B 232 -9.20 1.75 -18.61
C LEU B 232 -9.46 2.97 -19.46
N TYR B 233 -9.85 2.79 -20.73
CA TYR B 233 -10.16 3.90 -21.63
C TYR B 233 -11.32 4.72 -21.09
N LYS B 234 -12.36 4.03 -20.58
CA LYS B 234 -13.53 4.69 -20.01
C LYS B 234 -13.17 5.51 -18.78
N GLU B 235 -12.20 5.03 -17.99
CA GLU B 235 -11.73 5.72 -16.78
C GLU B 235 -11.11 7.04 -17.12
N ILE B 236 -10.28 7.09 -18.17
CA ILE B 236 -9.61 8.30 -18.63
C ILE B 236 -10.63 9.33 -19.06
N LEU B 237 -11.60 8.92 -19.89
CA LEU B 237 -12.63 9.81 -20.42
C LEU B 237 -13.55 10.32 -19.34
N THR B 238 -13.96 9.45 -18.41
CA THR B 238 -14.84 9.78 -17.29
C THR B 238 -14.15 10.80 -16.37
N ARG B 239 -12.89 10.52 -16.00
CA ARG B 239 -12.06 11.39 -15.16
C ARG B 239 -11.90 12.76 -15.82
N ALA B 240 -11.56 12.77 -17.13
CA ALA B 240 -11.38 13.99 -17.91
C ALA B 240 -12.68 14.76 -18.11
N HIS B 241 -13.82 14.05 -18.13
CA HIS B 241 -15.12 14.68 -18.25
C HIS B 241 -15.40 15.47 -16.99
N GLU B 242 -14.98 14.94 -15.84
CA GLU B 242 -15.16 15.55 -14.53
C GLU B 242 -14.20 16.70 -14.23
N LYS B 243 -13.15 16.87 -15.04
CA LYS B 243 -12.16 17.92 -14.80
C LYS B 243 -12.63 19.30 -15.29
N GLU B 244 -13.84 19.38 -15.88
CA GLU B 244 -14.45 20.63 -16.37
C GLU B 244 -15.96 20.68 -16.19
N PHE B 245 -16.63 19.53 -16.33
CA PHE B 245 -18.08 19.45 -16.27
C PHE B 245 -18.62 19.07 -14.88
N GLY B 246 -18.11 19.73 -13.85
CA GLY B 246 -18.51 19.62 -12.45
C GLY B 246 -18.96 18.29 -11.90
N SER B 247 -20.09 18.31 -11.13
CA SER B 247 -20.77 17.26 -10.35
C SER B 247 -21.20 15.94 -11.06
N VAL B 248 -20.88 15.76 -12.38
CA VAL B 248 -21.23 14.61 -13.24
C VAL B 248 -22.74 14.20 -13.03
N ASN B 249 -23.61 15.19 -13.35
CA ASN B 249 -25.08 15.22 -13.29
C ASN B 249 -25.72 14.06 -14.08
N GLY B 250 -27.00 13.79 -13.81
CA GLY B 250 -27.77 12.75 -14.49
C GLY B 250 -27.79 12.93 -15.99
N GLU B 251 -28.06 14.16 -16.46
CA GLU B 251 -28.08 14.54 -17.88
C GLU B 251 -26.69 14.87 -18.40
N ASN B 252 -25.69 14.97 -17.48
CA ASN B 252 -24.28 15.23 -17.78
C ASN B 252 -23.48 13.91 -17.67
N LYS B 253 -23.46 13.19 -18.79
CA LYS B 253 -22.82 11.90 -18.97
C LYS B 253 -21.53 12.05 -19.79
N PRO B 254 -20.53 11.15 -19.62
CA PRO B 254 -19.31 11.25 -20.43
C PRO B 254 -19.55 10.82 -21.88
N ILE B 255 -18.70 11.28 -22.81
CA ILE B 255 -18.80 11.03 -24.26
C ILE B 255 -19.10 9.55 -24.61
N TRP B 256 -18.40 8.57 -24.00
CA TRP B 256 -18.57 7.15 -24.30
C TRP B 256 -19.97 6.63 -24.01
N MET B 257 -20.66 7.23 -23.03
CA MET B 257 -22.04 6.87 -22.72
C MET B 257 -22.95 7.32 -23.85
N HIS B 258 -22.78 8.58 -24.30
CA HIS B 258 -23.53 9.14 -25.41
C HIS B 258 -23.27 8.34 -26.66
N ALA B 259 -22.03 7.85 -26.83
CA ALA B 259 -21.60 7.02 -27.95
C ALA B 259 -22.38 5.71 -27.96
N GLU B 260 -22.45 5.00 -26.82
CA GLU B 260 -23.14 3.72 -26.71
C GLU B 260 -24.66 3.88 -26.82
N GLU B 261 -25.18 5.00 -26.26
CA GLU B 261 -26.62 5.32 -26.29
C GLU B 261 -27.01 5.71 -27.72
N ARG B 262 -26.06 6.29 -28.49
CA ARG B 262 -26.28 6.66 -29.88
C ARG B 262 -26.38 5.40 -30.72
N GLU B 263 -25.77 4.28 -30.25
CA GLU B 263 -25.85 2.99 -30.92
C GLU B 263 -27.27 2.42 -30.91
N GLU B 264 -28.24 3.24 -30.44
CA GLU B 264 -29.65 2.88 -30.45
C GLU B 264 -30.34 3.52 -31.67
N SER B 265 -29.87 3.17 -32.90
CA SER B 265 -30.42 3.66 -34.17
C SER B 265 -30.36 2.62 -35.32
N ALA B 284 -20.65 18.61 -28.62
CA ALA B 284 -20.39 19.59 -27.57
C ALA B 284 -19.02 19.36 -26.87
N CYS B 285 -18.21 18.41 -27.39
CA CYS B 285 -16.99 17.88 -26.80
C CYS B 285 -15.60 18.39 -27.32
N LYS B 286 -15.48 19.62 -27.87
CA LYS B 286 -14.15 20.05 -28.34
C LYS B 286 -13.10 20.12 -27.18
N VAL B 287 -12.19 19.10 -27.12
CA VAL B 287 -11.12 18.94 -26.11
C VAL B 287 -9.73 18.75 -26.77
N ASP B 288 -8.89 19.82 -26.76
CA ASP B 288 -7.55 19.88 -27.37
C ASP B 288 -6.43 19.21 -26.53
N SER B 289 -6.78 18.16 -25.75
CA SER B 289 -5.84 17.37 -24.94
C SER B 289 -5.27 16.24 -25.82
N PRO B 290 -3.93 16.12 -25.96
CA PRO B 290 -3.37 15.13 -26.89
C PRO B 290 -3.55 13.68 -26.46
N THR B 291 -3.49 13.44 -25.14
CA THR B 291 -3.65 12.12 -24.55
C THR B 291 -5.11 11.66 -24.68
N VAL B 292 -6.07 12.57 -24.41
CA VAL B 292 -7.51 12.34 -24.53
C VAL B 292 -7.84 11.95 -25.98
N ASN B 293 -7.30 12.70 -26.95
CA ASN B 293 -7.48 12.45 -28.38
C ASN B 293 -7.12 11.02 -28.74
N THR B 294 -5.95 10.56 -28.27
CA THR B 294 -5.46 9.19 -28.47
C THR B 294 -6.46 8.18 -27.87
N THR B 295 -6.93 8.43 -26.63
CA THR B 295 -7.90 7.59 -25.91
C THR B 295 -9.19 7.47 -26.75
N LEU B 296 -9.66 8.62 -27.30
CA LEU B 296 -10.81 8.72 -28.17
C LEU B 296 -10.68 7.76 -29.34
N ARG B 297 -9.53 7.80 -30.04
CA ARG B 297 -9.24 6.98 -31.21
C ARG B 297 -9.10 5.49 -30.88
N SER B 298 -8.29 5.16 -29.86
CA SER B 298 -7.98 3.80 -29.43
C SER B 298 -9.20 2.95 -29.11
N LEU B 299 -10.22 3.55 -28.50
CA LEU B 299 -11.47 2.90 -28.12
C LEU B 299 -12.41 2.82 -29.33
N GLY B 300 -12.22 3.74 -30.27
CA GLY B 300 -12.97 3.79 -31.52
C GLY B 300 -12.68 2.60 -32.40
N ALA B 301 -11.70 1.78 -31.96
CA ALA B 301 -11.23 0.52 -32.56
C ALA B 301 -11.83 -0.65 -31.78
N LEU B 302 -12.26 -0.40 -30.53
CA LEU B 302 -12.89 -1.43 -29.70
C LEU B 302 -14.34 -1.54 -30.05
N TYR B 303 -14.96 -0.39 -30.28
CA TYR B 303 -16.35 -0.22 -30.70
C TYR B 303 -16.55 -0.76 -32.13
N ARG B 304 -15.49 -0.77 -32.94
CA ARG B 304 -15.49 -1.33 -34.30
C ARG B 304 -15.42 -2.84 -34.23
N ARG B 305 -14.58 -3.35 -33.32
CA ARG B 305 -14.39 -4.77 -33.11
C ARG B 305 -15.67 -5.43 -32.61
N GLN B 306 -16.43 -4.71 -31.76
CA GLN B 306 -17.69 -5.18 -31.20
C GLN B 306 -18.90 -4.99 -32.15
N GLY B 307 -18.66 -4.44 -33.34
CA GLY B 307 -19.70 -4.20 -34.33
C GLY B 307 -20.55 -2.97 -34.05
N LYS B 308 -20.13 -2.17 -33.05
CA LYS B 308 -20.77 -0.93 -32.62
C LYS B 308 -20.14 0.17 -33.48
N LEU B 309 -20.46 0.14 -34.78
CA LEU B 309 -19.87 0.99 -35.80
C LEU B 309 -20.24 2.46 -35.70
N GLU B 310 -21.52 2.77 -35.40
CA GLU B 310 -22.02 4.15 -35.30
C GLU B 310 -21.36 4.89 -34.10
N ALA B 311 -21.10 4.14 -32.99
CA ALA B 311 -20.44 4.66 -31.79
C ALA B 311 -18.98 4.94 -32.11
N ALA B 312 -18.29 3.95 -32.73
CA ALA B 312 -16.90 4.01 -33.17
C ALA B 312 -16.68 5.11 -34.18
N HIS B 313 -17.68 5.37 -35.09
CA HIS B 313 -17.63 6.44 -36.10
C HIS B 313 -17.78 7.78 -35.42
N THR B 314 -18.59 7.83 -34.35
CA THR B 314 -18.81 9.01 -33.53
C THR B 314 -17.54 9.32 -32.69
N LEU B 315 -16.62 8.31 -32.52
CA LEU B 315 -15.36 8.45 -31.73
C LEU B 315 -14.19 9.17 -32.53
N GLU B 316 -14.44 9.51 -33.80
CA GLU B 316 -13.53 10.27 -34.64
C GLU B 316 -14.02 11.70 -34.66
N ASP B 317 -15.37 11.89 -34.50
CA ASP B 317 -16.10 13.17 -34.49
C ASP B 317 -15.51 14.23 -33.57
N CYS B 318 -14.84 13.81 -32.46
CA CYS B 318 -14.20 14.70 -31.48
C CYS B 318 -12.69 14.47 -31.33
N ALA B 319 -12.14 13.58 -32.15
CA ALA B 319 -10.72 13.26 -32.21
C ALA B 319 -10.07 14.05 -33.36
N SER B 320 -10.84 14.29 -34.46
CA SER B 320 -10.40 15.05 -35.64
C SER B 320 -10.94 16.51 -35.67
N ARG B 321 -11.91 16.85 -34.79
CA ARG B 321 -12.42 18.23 -34.64
C ARG B 321 -11.55 18.99 -33.63
N SER B 322 -11.19 18.32 -32.52
CA SER B 322 -10.38 18.90 -31.47
C SER B 322 -8.86 18.90 -31.77
N ARG B 323 -8.46 18.80 -33.06
CA ARG B 323 -7.06 18.78 -33.50
C ARG B 323 -6.84 19.70 -34.72
N PRO C 39 -1.62 -4.80 52.46
CA PRO C 39 -2.99 -5.29 52.16
C PRO C 39 -3.36 -6.59 52.88
N ALA C 40 -4.67 -6.88 52.99
CA ALA C 40 -5.18 -8.11 53.60
C ALA C 40 -4.79 -9.29 52.67
N LEU C 41 -4.45 -10.51 53.22
CA LEU C 41 -4.02 -11.70 52.43
C LEU C 41 -5.09 -12.24 51.43
N ARG C 42 -6.17 -11.43 51.28
CA ARG C 42 -7.18 -11.56 50.27
C ARG C 42 -6.53 -10.74 49.15
N LEU C 43 -6.47 -9.37 49.27
CA LEU C 43 -5.87 -8.40 48.35
C LEU C 43 -4.37 -8.66 48.00
N THR C 44 -3.69 -9.62 48.70
CA THR C 44 -2.31 -10.04 48.43
C THR C 44 -2.27 -11.36 47.63
N LEU C 45 -3.03 -12.41 48.06
CA LEU C 45 -3.07 -13.67 47.31
C LEU C 45 -3.80 -13.45 45.99
N HIS C 46 -4.81 -12.55 46.00
CA HIS C 46 -5.60 -12.05 44.86
C HIS C 46 -4.55 -11.56 43.84
N ASN C 47 -3.67 -10.65 44.32
CA ASN C 47 -2.55 -9.99 43.65
C ASN C 47 -1.49 -10.99 43.17
N LEU C 48 -1.15 -12.01 44.00
CA LEU C 48 -0.14 -13.04 43.70
C LEU C 48 -0.47 -13.85 42.46
N VAL C 49 -1.77 -14.07 42.18
CA VAL C 49 -2.23 -14.83 41.02
C VAL C 49 -2.21 -13.94 39.76
N ILE C 50 -2.41 -12.59 39.89
CA ILE C 50 -2.36 -11.64 38.76
C ILE C 50 -1.08 -11.91 38.01
N GLN C 51 0.04 -11.84 38.73
CA GLN C 51 1.39 -12.06 38.24
C GLN C 51 1.56 -13.51 37.77
N TYR C 52 0.99 -14.48 38.53
CA TYR C 52 1.09 -15.91 38.26
C TYR C 52 0.47 -16.34 36.93
N ALA C 53 -0.83 -16.03 36.69
CA ALA C 53 -1.50 -16.43 35.45
C ALA C 53 -1.00 -15.66 34.21
N SER C 54 -0.50 -14.42 34.38
CA SER C 54 0.02 -13.59 33.29
C SER C 54 1.41 -14.02 32.81
N GLN C 55 2.15 -14.77 33.67
CA GLN C 55 3.49 -15.30 33.40
C GLN C 55 3.43 -16.26 32.21
N GLY C 56 2.44 -17.16 32.22
CA GLY C 56 2.20 -18.07 31.12
C GLY C 56 1.43 -17.38 30.00
N ARG C 57 1.56 -16.01 29.92
CA ARG C 57 0.92 -15.09 28.97
C ARG C 57 -0.60 -15.24 28.88
N TYR C 58 -1.24 -15.76 29.95
CA TYR C 58 -2.68 -15.96 29.98
C TYR C 58 -3.43 -14.67 30.25
N GLU C 59 -3.43 -13.79 29.25
CA GLU C 59 -4.19 -12.55 29.29
C GLU C 59 -5.65 -12.93 29.11
N VAL C 60 -6.57 -11.92 29.15
CA VAL C 60 -8.02 -12.08 29.18
C VAL C 60 -8.35 -12.59 30.60
N ALA C 61 -7.75 -13.73 31.01
CA ALA C 61 -7.86 -14.32 32.34
C ALA C 61 -7.50 -13.29 33.40
N VAL C 62 -6.27 -12.79 33.36
CA VAL C 62 -5.71 -11.82 34.31
C VAL C 62 -6.39 -10.36 34.25
N PRO C 63 -6.60 -9.63 33.09
CA PRO C 63 -7.16 -8.25 33.14
C PRO C 63 -8.52 -8.05 33.79
N LEU C 64 -9.21 -9.15 34.08
CA LEU C 64 -10.48 -9.10 34.80
C LEU C 64 -10.25 -9.09 36.30
N CYS C 65 -9.25 -9.88 36.77
CA CYS C 65 -8.85 -10.01 38.17
C CYS C 65 -8.22 -8.73 38.71
N LYS C 66 -7.24 -8.20 37.96
CA LYS C 66 -6.53 -6.97 38.29
C LYS C 66 -7.50 -5.79 38.50
N GLN C 67 -8.61 -5.77 37.74
CA GLN C 67 -9.63 -4.75 37.86
C GLN C 67 -10.36 -4.93 39.19
N ALA C 68 -10.85 -6.17 39.47
CA ALA C 68 -11.55 -6.54 40.72
C ALA C 68 -10.72 -6.16 41.96
N LEU C 69 -9.39 -6.28 41.85
CA LEU C 69 -8.41 -5.93 42.87
C LEU C 69 -8.39 -4.42 43.08
N GLU C 70 -8.21 -3.65 41.97
CA GLU C 70 -8.16 -2.19 41.98
C GLU C 70 -9.40 -1.55 42.53
N ASP C 71 -10.55 -2.21 42.36
CA ASP C 71 -11.83 -1.73 42.86
C ASP C 71 -11.87 -1.88 44.38
N LEU C 72 -11.39 -3.03 44.88
CA LEU C 72 -11.30 -3.35 46.32
C LEU C 72 -10.31 -2.40 47.00
N GLU C 73 -9.18 -2.11 46.32
CA GLU C 73 -8.15 -1.22 46.82
C GLU C 73 -8.63 0.24 46.87
N LYS C 74 -9.33 0.73 45.82
CA LYS C 74 -9.83 2.11 45.76
C LYS C 74 -11.01 2.35 46.70
N THR C 75 -11.67 1.29 47.20
CA THR C 75 -12.73 1.46 48.20
C THR C 75 -12.11 1.36 49.61
N SER C 76 -11.17 0.40 49.82
CA SER C 76 -10.48 0.16 51.09
C SER C 76 -9.09 0.83 51.18
N GLY C 77 -8.97 2.05 50.68
CA GLY C 77 -7.71 2.79 50.75
C GLY C 77 -7.25 3.39 49.43
N HIS C 78 -7.57 4.68 49.22
CA HIS C 78 -7.29 5.47 48.01
C HIS C 78 -6.51 6.79 48.33
N ASP C 79 -5.67 7.36 47.38
CA ASP C 79 -5.32 6.90 46.02
C ASP C 79 -4.16 5.89 46.01
N HIS C 80 -3.45 5.75 47.17
CA HIS C 80 -2.38 4.86 47.63
C HIS C 80 -1.40 4.27 46.57
N PRO C 81 -0.10 4.13 46.90
CA PRO C 81 0.86 3.54 45.96
C PRO C 81 0.57 2.14 45.40
N ASP C 82 -0.20 1.29 46.08
CA ASP C 82 -0.49 -0.05 45.56
C ASP C 82 -1.43 -0.06 44.38
N VAL C 83 -2.38 0.90 44.38
CA VAL C 83 -3.35 1.16 43.31
C VAL C 83 -2.55 1.40 42.02
N ALA C 84 -1.42 2.16 42.14
CA ALA C 84 -0.49 2.51 41.06
C ALA C 84 0.27 1.28 40.52
N THR C 85 0.68 0.34 41.41
CA THR C 85 1.40 -0.89 41.01
C THR C 85 0.48 -1.78 40.18
N MET C 86 -0.80 -1.78 40.52
CA MET C 86 -1.78 -2.55 39.79
C MET C 86 -2.06 -1.92 38.44
N LEU C 87 -2.18 -0.56 38.37
CA LEU C 87 -2.39 0.19 37.11
C LEU C 87 -1.24 -0.11 36.16
N ASN C 88 -0.03 -0.28 36.74
CA ASN C 88 1.23 -0.58 36.04
C ASN C 88 1.15 -1.94 35.37
N ILE C 89 0.67 -2.97 36.11
CA ILE C 89 0.52 -4.31 35.56
C ILE C 89 -0.57 -4.32 34.46
N LEU C 90 -1.68 -3.54 34.64
CA LEU C 90 -2.78 -3.42 33.68
C LEU C 90 -2.38 -2.62 32.45
N ALA C 91 -1.42 -1.70 32.61
CA ALA C 91 -0.86 -0.94 31.50
C ALA C 91 0.03 -1.86 30.66
N LEU C 92 0.82 -2.75 31.33
CA LEU C 92 1.70 -3.72 30.69
C LEU C 92 0.90 -4.73 29.85
N VAL C 93 -0.19 -5.27 30.43
CA VAL C 93 -1.08 -6.23 29.78
C VAL C 93 -1.78 -5.61 28.57
N TYR C 94 -2.21 -4.33 28.68
CA TYR C 94 -2.84 -3.60 27.57
C TYR C 94 -1.85 -3.40 26.40
N ARG C 95 -0.57 -3.09 26.70
CA ARG C 95 0.50 -2.94 25.72
C ARG C 95 0.69 -4.24 24.94
N ASP C 96 0.63 -5.39 25.65
CA ASP C 96 0.78 -6.73 25.07
C ASP C 96 -0.42 -7.14 24.21
N GLN C 97 -1.57 -6.47 24.40
CA GLN C 97 -2.77 -6.67 23.63
C GLN C 97 -2.87 -5.60 22.53
N ASN C 98 -1.81 -4.75 22.41
CA ASN C 98 -1.68 -3.65 21.45
C ASN C 98 -2.70 -2.52 21.64
N LYS C 99 -3.35 -2.44 22.82
CA LYS C 99 -4.27 -1.36 23.17
C LYS C 99 -3.40 -0.25 23.76
N TYR C 100 -2.63 0.42 22.89
CA TYR C 100 -1.64 1.42 23.28
C TYR C 100 -2.22 2.69 23.90
N LYS C 101 -3.33 3.20 23.35
CA LYS C 101 -4.03 4.40 23.84
C LYS C 101 -4.42 4.23 25.31
N ASP C 102 -5.00 3.05 25.61
CA ASP C 102 -5.46 2.62 26.93
C ASP C 102 -4.27 2.39 27.87
N ALA C 103 -3.21 1.72 27.37
CA ALA C 103 -1.99 1.40 28.12
C ALA C 103 -1.30 2.66 28.63
N ALA C 104 -1.07 3.63 27.72
CA ALA C 104 -0.41 4.90 28.02
C ALA C 104 -1.19 5.73 29.05
N HIS C 105 -2.53 5.78 28.90
CA HIS C 105 -3.42 6.52 29.80
C HIS C 105 -3.29 6.08 31.25
N LEU C 106 -3.19 4.75 31.49
CA LEU C 106 -3.07 4.15 32.81
C LEU C 106 -1.75 4.46 33.48
N LEU C 107 -0.63 4.38 32.72
CA LEU C 107 0.70 4.65 33.26
C LEU C 107 0.84 6.07 33.73
N ASN C 108 0.22 7.02 33.01
CA ASN C 108 0.19 8.44 33.34
C ASN C 108 -0.48 8.64 34.71
N ASP C 109 -1.58 7.90 34.96
CA ASP C 109 -2.32 7.94 36.23
C ASP C 109 -1.54 7.26 37.35
N ALA C 110 -0.78 6.19 37.05
CA ALA C 110 0.08 5.49 38.02
C ALA C 110 1.26 6.38 38.36
N LEU C 111 1.74 7.17 37.38
CA LEU C 111 2.83 8.10 37.56
C LEU C 111 2.41 9.22 38.50
N ALA C 112 1.23 9.83 38.25
CA ALA C 112 0.69 10.91 39.08
C ALA C 112 0.49 10.46 40.53
N ILE C 113 0.04 9.19 40.74
CA ILE C 113 -0.16 8.59 42.08
C ILE C 113 1.20 8.45 42.77
N ARG C 114 2.19 7.88 42.06
CA ARG C 114 3.54 7.66 42.58
C ARG C 114 4.29 8.96 42.86
N GLU C 115 4.00 10.03 42.09
CA GLU C 115 4.60 11.35 42.28
C GLU C 115 4.04 11.99 43.53
N LYS C 116 2.75 11.78 43.81
CA LYS C 116 2.13 12.33 45.00
C LYS C 116 2.61 11.59 46.25
N THR C 117 2.54 10.26 46.22
CA THR C 117 2.88 9.39 47.34
C THR C 117 4.38 9.23 47.55
N LEU C 118 5.06 8.49 46.66
CA LEU C 118 6.49 8.22 46.74
C LEU C 118 7.37 9.44 46.43
N GLY C 119 6.79 10.41 45.75
CA GLY C 119 7.47 11.65 45.38
C GLY C 119 8.42 11.57 44.21
N LYS C 120 8.90 12.74 43.75
CA LYS C 120 9.87 12.84 42.66
C LYS C 120 11.18 12.24 43.14
N ASP C 121 12.00 11.76 42.20
CA ASP C 121 13.33 11.13 42.43
C ASP C 121 13.24 9.74 43.11
N HIS C 122 12.03 9.17 43.26
CA HIS C 122 11.88 7.84 43.84
C HIS C 122 12.12 6.75 42.78
N PRO C 123 12.90 5.68 43.11
CA PRO C 123 13.22 4.62 42.12
C PRO C 123 12.03 3.99 41.36
N ALA C 124 10.88 3.87 42.03
CA ALA C 124 9.66 3.31 41.41
C ALA C 124 9.08 4.26 40.36
N VAL C 125 9.29 5.58 40.55
CA VAL C 125 8.83 6.62 39.64
C VAL C 125 9.72 6.60 38.36
N ALA C 126 11.00 6.13 38.49
CA ALA C 126 11.95 5.97 37.39
C ALA C 126 11.53 4.84 36.44
N ALA C 127 11.11 3.68 37.00
CA ALA C 127 10.66 2.53 36.23
C ALA C 127 9.41 2.88 35.41
N THR C 128 8.45 3.61 36.03
CA THR C 128 7.20 4.05 35.40
C THR C 128 7.48 4.95 34.19
N LEU C 129 8.35 5.95 34.37
CA LEU C 129 8.77 6.88 33.31
C LEU C 129 9.36 6.11 32.14
N ASN C 130 10.20 5.09 32.40
CA ASN C 130 10.82 4.23 31.38
C ASN C 130 9.76 3.47 30.60
N ASN C 131 8.81 2.83 31.32
CA ASN C 131 7.70 2.07 30.73
C ASN C 131 6.83 2.96 29.84
N LEU C 132 6.57 4.22 30.27
CA LEU C 132 5.79 5.17 29.49
C LEU C 132 6.59 5.65 28.26
N ALA C 133 7.91 5.81 28.42
CA ALA C 133 8.82 6.20 27.33
C ALA C 133 8.85 5.09 26.29
N VAL C 134 8.83 3.82 26.75
CA VAL C 134 8.80 2.62 25.91
C VAL C 134 7.56 2.65 25.02
N LEU C 135 6.35 2.79 25.63
CA LEU C 135 5.06 2.86 24.94
C LEU C 135 4.98 3.96 23.90
N TYR C 136 5.58 5.11 24.22
CA TYR C 136 5.65 6.26 23.34
C TYR C 136 6.57 5.98 22.13
N GLY C 137 7.67 5.28 22.36
CA GLY C 137 8.64 4.89 21.33
C GLY C 137 8.08 3.88 20.35
N LYS C 138 7.27 2.94 20.87
CA LYS C 138 6.57 1.90 20.10
C LYS C 138 5.62 2.49 19.07
N ARG C 139 5.08 3.70 19.35
CA ARG C 139 4.17 4.40 18.45
C ARG C 139 4.90 5.46 17.61
N GLY C 140 6.22 5.55 17.79
CA GLY C 140 7.07 6.49 17.07
C GLY C 140 6.97 7.91 17.60
N LYS C 141 6.44 8.08 18.81
CA LYS C 141 6.33 9.38 19.47
C LYS C 141 7.63 9.56 20.28
N TYR C 142 8.72 9.88 19.57
CA TYR C 142 10.06 10.04 20.14
C TYR C 142 10.23 11.35 20.89
N LYS C 143 9.63 12.44 20.34
CA LYS C 143 9.69 13.80 20.87
C LYS C 143 9.25 13.83 22.32
N GLU C 144 8.05 13.31 22.60
CA GLU C 144 7.45 13.26 23.92
C GLU C 144 8.03 12.16 24.80
N ALA C 145 8.79 11.20 24.21
CA ALA C 145 9.44 10.11 24.93
C ALA C 145 10.77 10.53 25.54
N GLU C 146 11.52 11.41 24.84
CA GLU C 146 12.82 11.94 25.26
C GLU C 146 12.81 12.58 26.66
N PRO C 147 11.89 13.52 27.03
CA PRO C 147 11.92 14.13 28.36
C PRO C 147 11.68 13.12 29.46
N LEU C 148 10.74 12.21 29.23
CA LEU C 148 10.40 11.15 30.17
C LEU C 148 11.65 10.30 30.43
N CYS C 149 12.35 9.90 29.34
CA CYS C 149 13.54 9.09 29.44
C CYS C 149 14.69 9.87 30.05
N LYS C 150 14.79 11.18 29.76
CA LYS C 150 15.84 12.06 30.31
C LYS C 150 15.68 12.18 31.82
N ARG C 151 14.45 12.31 32.31
CA ARG C 151 14.14 12.45 33.72
C ARG C 151 14.47 11.16 34.47
N ALA C 152 14.13 10.00 33.89
CA ALA C 152 14.38 8.69 34.48
C ALA C 152 15.87 8.48 34.72
N LEU C 153 16.69 8.95 33.77
CA LEU C 153 18.15 8.89 33.85
C LEU C 153 18.68 9.77 34.99
N GLU C 154 18.09 10.96 35.17
CA GLU C 154 18.47 11.91 36.22
C GLU C 154 18.21 11.34 37.60
N ILE C 155 17.10 10.59 37.75
CA ILE C 155 16.74 9.93 39.00
C ILE C 155 17.73 8.80 39.27
N ARG C 156 18.05 8.01 38.22
CA ARG C 156 18.99 6.88 38.27
C ARG C 156 20.40 7.32 38.66
N GLU C 157 20.80 8.52 38.23
CA GLU C 157 22.09 9.13 38.57
C GLU C 157 22.11 9.56 40.04
N LYS C 158 20.96 10.01 40.58
CA LYS C 158 20.83 10.44 41.97
C LYS C 158 20.95 9.23 42.90
N VAL C 159 20.23 8.15 42.55
CA VAL C 159 20.14 6.89 43.28
C VAL C 159 21.48 6.11 43.26
N LEU C 160 21.98 5.79 42.07
CA LEU C 160 23.16 4.96 41.90
C LEU C 160 24.51 5.67 41.80
N GLY C 161 24.50 6.91 41.33
CA GLY C 161 25.71 7.67 41.07
C GLY C 161 25.89 7.80 39.57
N LYS C 162 26.54 8.88 39.11
CA LYS C 162 26.77 9.16 37.69
C LYS C 162 27.48 8.03 36.92
N PHE C 163 28.25 7.18 37.61
CA PHE C 163 29.04 6.17 36.92
C PHE C 163 28.75 4.71 37.25
N HIS C 164 27.51 4.41 37.65
CA HIS C 164 27.08 3.03 37.91
C HIS C 164 26.70 2.35 36.57
N PRO C 165 26.99 1.03 36.34
CA PRO C 165 26.63 0.41 35.05
C PRO C 165 25.13 0.37 34.70
N ASP C 166 24.21 0.52 35.69
CA ASP C 166 22.77 0.52 35.42
C ASP C 166 22.26 1.88 34.99
N VAL C 167 23.20 2.78 34.68
CA VAL C 167 23.02 4.15 34.16
C VAL C 167 23.60 4.14 32.73
N ALA C 168 24.73 3.42 32.48
CA ALA C 168 25.36 3.23 31.16
C ALA C 168 24.36 2.53 30.25
N LYS C 169 23.49 1.73 30.87
CA LYS C 169 22.39 1.02 30.24
C LYS C 169 21.35 2.05 29.87
N GLN C 170 21.03 2.99 30.79
CA GLN C 170 20.06 4.07 30.58
C GLN C 170 20.53 5.06 29.50
N LEU C 171 21.84 5.25 29.42
CA LEU C 171 22.47 6.15 28.45
C LEU C 171 22.52 5.51 27.07
N SER C 172 22.93 4.21 26.97
CA SER C 172 22.99 3.40 25.74
C SER C 172 21.61 3.41 25.03
N ASN C 173 20.53 3.58 25.83
CA ASN C 173 19.11 3.66 25.45
C ASN C 173 18.72 5.04 24.89
N LEU C 174 19.10 6.17 25.55
CA LEU C 174 18.74 7.47 24.96
C LEU C 174 19.61 7.78 23.73
N ALA C 175 20.74 7.08 23.60
CA ALA C 175 21.58 7.16 22.41
C ALA C 175 20.82 6.44 21.30
N LEU C 176 20.02 5.41 21.66
CA LEU C 176 19.18 4.68 20.73
C LEU C 176 17.93 5.49 20.37
N LEU C 177 17.36 6.27 21.31
CA LEU C 177 16.17 7.10 21.05
C LEU C 177 16.47 8.22 20.06
N CYS C 178 17.59 8.96 20.27
CA CYS C 178 17.96 10.10 19.43
C CYS C 178 18.43 9.70 18.03
N GLN C 179 18.79 8.40 17.82
CA GLN C 179 19.19 7.84 16.52
C GLN C 179 17.98 7.95 15.58
N ASN C 180 16.77 7.66 16.11
CA ASN C 180 15.48 7.67 15.42
C ASN C 180 14.85 9.05 15.31
N GLN C 181 15.38 10.04 16.01
CA GLN C 181 14.85 11.40 15.97
C GLN C 181 15.47 12.18 14.81
N GLY C 182 16.77 11.96 14.60
CA GLY C 182 17.58 12.66 13.62
C GLY C 182 18.36 13.78 14.27
N LYS C 183 18.98 13.49 15.45
CA LYS C 183 19.80 14.41 16.27
C LYS C 183 21.05 13.66 16.74
N ALA C 184 21.74 12.96 15.82
CA ALA C 184 22.92 12.11 16.02
C ALA C 184 24.04 12.71 16.89
N GLU C 185 24.04 14.02 17.04
CA GLU C 185 25.02 14.80 17.79
C GLU C 185 24.89 14.53 19.30
N GLU C 186 23.64 14.31 19.75
CA GLU C 186 23.32 13.92 21.12
C GLU C 186 23.67 12.43 21.30
N VAL C 187 23.46 11.58 20.24
CA VAL C 187 23.75 10.13 20.21
C VAL C 187 25.23 9.90 20.41
N GLU C 188 26.03 10.76 19.77
CA GLU C 188 27.48 10.81 19.85
C GLU C 188 27.82 11.06 21.32
N TYR C 189 27.18 12.08 21.94
CA TYR C 189 27.37 12.42 23.34
C TYR C 189 26.99 11.28 24.28
N TYR C 190 25.78 10.69 24.11
CA TYR C 190 25.27 9.60 24.97
C TYR C 190 26.03 8.28 24.77
N TYR C 191 26.52 7.93 23.55
CA TYR C 191 27.35 6.72 23.37
C TYR C 191 28.75 6.90 23.96
N ARG C 192 29.30 8.12 23.88
CA ARG C 192 30.60 8.44 24.47
C ARG C 192 30.48 8.32 25.99
N ARG C 193 29.37 8.84 26.61
CA ARG C 193 29.06 8.74 28.06
C ARG C 193 28.91 7.28 28.46
N ALA C 194 28.22 6.51 27.59
CA ALA C 194 27.96 5.09 27.77
C ALA C 194 29.27 4.39 27.80
N LEU C 195 30.02 4.46 26.69
CA LEU C 195 31.33 3.83 26.53
C LEU C 195 32.23 4.15 27.69
N GLU C 196 32.22 5.42 28.10
CA GLU C 196 32.99 5.92 29.23
C GLU C 196 32.76 4.99 30.43
N ILE C 197 31.50 4.68 30.78
CA ILE C 197 31.17 3.80 31.90
C ILE C 197 31.56 2.36 31.63
N TYR C 198 31.11 1.77 30.50
CA TYR C 198 31.37 0.38 30.12
C TYR C 198 32.86 0.03 30.10
N ALA C 199 33.67 0.81 29.37
CA ALA C 199 35.09 0.55 29.25
C ALA C 199 35.82 0.64 30.57
N THR C 200 35.42 1.57 31.43
CA THR C 200 36.10 1.74 32.70
C THR C 200 35.64 0.76 33.77
N ARG C 201 34.31 0.72 34.05
CA ARG C 201 33.70 -0.12 35.10
C ARG C 201 33.74 -1.63 34.84
N LEU C 202 33.79 -2.03 33.55
CA LEU C 202 33.83 -3.44 33.13
C LEU C 202 35.14 -3.70 32.36
N GLY C 203 35.55 -4.97 32.28
CA GLY C 203 36.78 -5.38 31.60
C GLY C 203 36.86 -4.92 30.14
N PRO C 204 38.08 -4.76 29.56
CA PRO C 204 38.16 -4.31 28.14
C PRO C 204 37.64 -5.36 27.13
N ASP C 205 37.42 -6.60 27.62
CA ASP C 205 36.90 -7.74 26.88
C ASP C 205 35.35 -7.87 27.02
N ASP C 206 34.69 -6.92 27.71
CA ASP C 206 33.23 -6.90 27.88
C ASP C 206 32.54 -6.62 26.53
N PRO C 207 31.50 -7.41 26.17
CA PRO C 207 30.85 -7.23 24.86
C PRO C 207 30.15 -5.88 24.66
N ASN C 208 29.69 -5.23 25.74
CA ASN C 208 29.03 -3.93 25.68
C ASN C 208 29.94 -2.86 25.13
N VAL C 209 31.27 -3.01 25.37
CA VAL C 209 32.30 -2.09 24.89
C VAL C 209 32.31 -2.10 23.36
N ALA C 210 32.51 -3.29 22.77
CA ALA C 210 32.52 -3.45 21.32
C ALA C 210 31.19 -3.05 20.69
N LYS C 211 30.07 -3.43 21.32
CA LYS C 211 28.72 -3.13 20.84
C LYS C 211 28.46 -1.62 20.82
N THR C 212 28.88 -0.89 21.87
CA THR C 212 28.73 0.57 21.96
C THR C 212 29.65 1.24 20.94
N LYS C 213 30.88 0.69 20.78
CA LYS C 213 31.85 1.20 19.82
C LYS C 213 31.33 1.08 18.39
N ASN C 214 30.70 -0.08 18.03
CA ASN C 214 30.09 -0.31 16.71
C ASN C 214 28.96 0.69 16.47
N ASN C 215 28.11 0.92 17.51
CA ASN C 215 26.99 1.86 17.53
C ASN C 215 27.44 3.29 17.33
N LEU C 216 28.54 3.69 17.98
CA LEU C 216 29.13 5.02 17.82
C LEU C 216 29.79 5.12 16.44
N ALA C 217 30.38 4.00 15.95
CA ALA C 217 31.02 3.90 14.65
C ALA C 217 30.04 4.17 13.53
N SER C 218 28.84 3.58 13.60
CA SER C 218 27.78 3.78 12.60
C SER C 218 27.31 5.24 12.55
N CYS C 219 27.13 5.90 13.70
CA CYS C 219 26.71 7.30 13.69
C CYS C 219 27.78 8.18 13.11
N TYR C 220 29.08 7.86 13.41
CA TYR C 220 30.19 8.60 12.81
C TYR C 220 30.11 8.47 11.28
N LEU C 221 29.81 7.25 10.75
CA LEU C 221 29.67 6.99 9.31
C LEU C 221 28.57 7.81 8.70
N LYS C 222 27.44 7.92 9.41
CA LYS C 222 26.28 8.62 8.92
C LYS C 222 26.51 10.12 8.68
N GLN C 223 27.26 10.83 9.52
CA GLN C 223 27.49 12.24 9.14
C GLN C 223 28.50 12.30 7.99
N GLY C 224 29.51 11.43 8.06
CA GLY C 224 30.61 11.40 7.11
C GLY C 224 31.96 11.58 7.77
N LYS C 225 32.07 11.26 9.10
CA LYS C 225 33.30 11.31 9.92
C LYS C 225 33.97 9.93 9.81
N TYR C 226 34.41 9.57 8.59
CA TYR C 226 34.96 8.25 8.26
C TYR C 226 36.21 7.88 9.02
N GLN C 227 37.10 8.85 9.27
CA GLN C 227 38.30 8.56 10.04
C GLN C 227 37.96 8.16 11.46
N ASP C 228 37.07 8.93 12.11
CA ASP C 228 36.64 8.67 13.50
C ASP C 228 36.00 7.25 13.64
N ALA C 229 35.30 6.77 12.58
CA ALA C 229 34.69 5.43 12.53
C ALA C 229 35.79 4.38 12.35
N GLU C 230 36.71 4.61 11.41
CA GLU C 230 37.85 3.73 11.14
C GLU C 230 38.65 3.45 12.42
N THR C 231 38.96 4.51 13.20
CA THR C 231 39.69 4.43 14.47
C THR C 231 38.98 3.50 15.43
N LEU C 232 37.67 3.69 15.62
CA LEU C 232 36.89 2.84 16.51
C LEU C 232 36.93 1.39 16.10
N TYR C 233 36.79 1.10 14.79
CA TYR C 233 36.85 -0.27 14.28
C TYR C 233 38.20 -0.90 14.57
N LYS C 234 39.28 -0.14 14.36
CA LYS C 234 40.64 -0.62 14.62
C LYS C 234 40.85 -0.91 16.09
N GLU C 235 40.20 -0.14 16.98
CA GLU C 235 40.30 -0.33 18.43
C GLU C 235 39.73 -1.66 18.85
N ILE C 236 38.59 -2.05 18.28
CA ILE C 236 37.92 -3.32 18.56
C ILE C 236 38.81 -4.47 18.16
N LEU C 237 39.37 -4.42 16.94
CA LEU C 237 40.24 -5.48 16.40
C LEU C 237 41.55 -5.60 17.15
N THR C 238 42.16 -4.46 17.49
CA THR C 238 43.41 -4.41 18.24
C THR C 238 43.20 -5.00 19.64
N ARG C 239 42.13 -4.57 20.35
CA ARG C 239 41.77 -5.07 21.68
C ARG C 239 41.53 -6.57 21.64
N ALA C 240 40.77 -7.03 20.63
CA ALA C 240 40.44 -8.45 20.43
C ALA C 240 41.67 -9.27 20.03
N HIS C 241 42.65 -8.64 19.36
CA HIS C 241 43.89 -9.31 18.99
C HIS C 241 44.68 -9.60 20.27
N GLU C 242 44.64 -8.68 21.22
CA GLU C 242 45.33 -8.80 22.50
C GLU C 242 44.66 -9.74 23.49
N LYS C 243 43.43 -10.18 23.22
CA LYS C 243 42.71 -11.05 24.14
C LYS C 243 43.11 -12.51 24.03
N GLU C 244 44.05 -12.83 23.12
CA GLU C 244 44.58 -14.18 22.93
C GLU C 244 46.06 -14.19 22.55
N PHE C 245 46.51 -13.19 21.78
CA PHE C 245 47.89 -13.13 21.28
C PHE C 245 48.82 -12.28 22.17
N GLY C 246 48.76 -12.52 23.48
CA GLY C 246 49.60 -11.93 24.53
C GLY C 246 50.07 -10.49 24.37
N SER C 247 51.38 -10.26 24.65
CA SER C 247 52.19 -9.01 24.72
C SER C 247 52.18 -8.05 23.51
N VAL C 248 51.42 -8.34 22.42
CA VAL C 248 51.30 -7.59 21.14
C VAL C 248 52.73 -7.15 20.65
N ASN C 249 53.56 -8.20 20.38
CA ASN C 249 54.96 -8.20 19.92
C ASN C 249 55.14 -7.40 18.59
N GLY C 250 56.39 -7.06 18.27
CA GLY C 250 56.72 -6.34 17.04
C GLY C 250 56.25 -7.07 15.80
N GLU C 251 56.52 -8.40 15.75
CA GLU C 251 56.13 -9.29 14.66
C GLU C 251 54.68 -9.79 14.82
N ASN C 252 54.06 -9.52 15.99
CA ASN C 252 52.67 -9.85 16.32
C ASN C 252 51.80 -8.57 16.24
N LYS C 253 51.31 -8.32 15.03
CA LYS C 253 50.49 -7.17 14.65
C LYS C 253 49.02 -7.59 14.46
N PRO C 254 48.04 -6.66 14.64
CA PRO C 254 46.63 -7.02 14.41
C PRO C 254 46.30 -7.15 12.91
N ILE C 255 45.25 -7.89 12.59
CA ILE C 255 44.82 -8.19 11.21
C ILE C 255 44.81 -6.97 10.25
N TRP C 256 44.25 -5.81 10.70
CA TRP C 256 44.14 -4.60 9.89
C TRP C 256 45.48 -4.05 9.45
N MET C 257 46.53 -4.27 10.27
CA MET C 257 47.89 -3.86 9.95
C MET C 257 48.40 -4.71 8.79
N HIS C 258 48.22 -6.04 8.88
CA HIS C 258 48.62 -6.97 7.82
C HIS C 258 47.89 -6.64 6.52
N ALA C 259 46.62 -6.21 6.65
CA ALA C 259 45.78 -5.81 5.53
C ALA C 259 46.36 -4.57 4.82
N GLU C 260 46.69 -3.54 5.61
CA GLU C 260 47.24 -2.29 5.08
C GLU C 260 48.65 -2.46 4.57
N GLU C 261 49.44 -3.36 5.22
CA GLU C 261 50.82 -3.69 4.82
C GLU C 261 50.77 -4.46 3.51
N ARG C 262 49.69 -5.21 3.26
CA ARG C 262 49.52 -5.95 2.02
C ARG C 262 49.32 -4.94 0.89
N GLU C 263 48.76 -3.75 1.21
CA GLU C 263 48.54 -2.68 0.25
C GLU C 263 49.86 -2.07 -0.27
N GLU C 264 50.98 -2.69 0.09
CA GLU C 264 52.29 -2.27 -0.39
C GLU C 264 52.74 -3.17 -1.54
N SER C 265 51.95 -3.18 -2.64
CA SER C 265 52.24 -3.98 -3.85
C SER C 265 51.80 -3.32 -5.19
N ALA C 284 45.45 -16.86 9.17
CA ALA C 284 45.77 -17.49 10.45
C ALA C 284 44.87 -16.95 11.59
N CYS C 285 43.80 -16.21 11.24
CA CYS C 285 42.92 -15.48 12.17
C CYS C 285 41.49 -16.07 12.42
N LYS C 286 41.30 -17.40 12.44
CA LYS C 286 39.94 -17.92 12.66
C LYS C 286 39.35 -17.52 14.05
N VAL C 287 38.45 -16.50 14.06
CA VAL C 287 37.77 -15.93 15.26
C VAL C 287 36.23 -15.91 15.10
N ASP C 288 35.55 -16.86 15.76
CA ASP C 288 34.09 -17.08 15.71
C ASP C 288 33.25 -16.11 16.61
N SER C 289 33.76 -14.87 16.82
CA SER C 289 33.08 -13.83 17.59
C SER C 289 32.13 -13.07 16.64
N PRO C 290 30.80 -12.96 16.96
CA PRO C 290 29.87 -12.33 16.02
C PRO C 290 30.03 -10.83 15.86
N THR C 291 30.41 -10.14 16.95
CA THR C 291 30.61 -8.69 16.97
C THR C 291 31.88 -8.35 16.16
N VAL C 292 32.96 -9.14 16.36
CA VAL C 292 34.25 -9.02 15.66
C VAL C 292 34.01 -9.16 14.16
N ASN C 293 33.26 -10.20 13.76
CA ASN C 293 32.92 -10.46 12.36
C ASN C 293 32.30 -9.25 11.68
N THR C 294 31.32 -8.63 12.35
CA THR C 294 30.65 -7.41 11.88
C THR C 294 31.68 -6.28 11.70
N THR C 295 32.55 -6.09 12.72
CA THR C 295 33.62 -5.08 12.71
C THR C 295 34.54 -5.28 11.48
N LEU C 296 34.96 -6.54 11.20
CA LEU C 296 35.82 -6.85 10.06
C LEU C 296 35.16 -6.49 8.76
N ARG C 297 33.86 -6.76 8.64
CA ARG C 297 33.13 -6.45 7.41
C ARG C 297 33.04 -4.95 7.17
N SER C 298 32.67 -4.16 8.17
CA SER C 298 32.53 -2.70 8.07
C SER C 298 33.82 -1.97 7.66
N LEU C 299 34.93 -2.36 8.30
CA LEU C 299 36.27 -1.82 8.10
C LEU C 299 36.76 -2.03 6.66
N GLY C 300 36.43 -3.18 6.07
CA GLY C 300 36.81 -3.54 4.70
C GLY C 300 36.24 -2.60 3.68
N ALA C 301 35.00 -2.16 3.93
CA ALA C 301 34.28 -1.23 3.08
C ALA C 301 34.99 0.11 3.04
N LEU C 302 35.50 0.58 4.20
CA LEU C 302 36.22 1.87 4.33
C LEU C 302 37.49 1.91 3.48
N TYR C 303 38.24 0.79 3.39
CA TYR C 303 39.41 0.75 2.52
C TYR C 303 38.96 0.69 1.07
N ARG C 304 37.77 0.15 0.80
CA ARG C 304 37.24 0.13 -0.55
C ARG C 304 36.94 1.55 -0.97
N ARG C 305 36.38 2.36 -0.05
CA ARG C 305 36.06 3.76 -0.28
C ARG C 305 37.33 4.56 -0.57
N GLN C 306 38.44 4.22 0.11
CA GLN C 306 39.74 4.88 -0.06
C GLN C 306 40.54 4.38 -1.30
N GLY C 307 39.98 3.42 -2.06
CA GLY C 307 40.62 2.84 -3.25
C GLY C 307 41.74 1.86 -2.93
N LYS C 308 41.86 1.51 -1.65
CA LYS C 308 42.82 0.54 -1.10
C LYS C 308 42.07 -0.79 -1.20
N LEU C 309 42.00 -1.32 -2.42
CA LEU C 309 41.23 -2.52 -2.75
C LEU C 309 41.84 -3.82 -2.26
N GLU C 310 43.18 -3.92 -2.21
CA GLU C 310 43.81 -5.14 -1.68
C GLU C 310 43.62 -5.29 -0.16
N ALA C 311 43.65 -4.17 0.59
CA ALA C 311 43.40 -4.21 2.03
C ALA C 311 42.02 -4.83 2.29
N ALA C 312 41.02 -4.41 1.51
CA ALA C 312 39.63 -4.88 1.56
C ALA C 312 39.55 -6.35 1.24
N HIS C 313 40.32 -6.81 0.23
CA HIS C 313 40.39 -8.22 -0.19
C HIS C 313 40.76 -9.09 1.02
N THR C 314 41.75 -8.63 1.83
CA THR C 314 42.28 -9.30 3.03
C THR C 314 41.25 -9.53 4.13
N LEU C 315 40.46 -8.52 4.46
CA LEU C 315 39.46 -8.60 5.54
C LEU C 315 38.32 -9.54 5.23
N GLU C 316 37.80 -9.49 3.99
CA GLU C 316 36.68 -10.29 3.52
C GLU C 316 37.05 -11.80 3.36
N ASP C 317 38.07 -12.28 4.13
CA ASP C 317 38.53 -13.66 4.23
C ASP C 317 38.21 -14.10 5.64
N CYS C 318 38.76 -13.36 6.62
CA CYS C 318 38.63 -13.56 8.07
C CYS C 318 37.18 -13.38 8.51
N ALA C 319 36.51 -12.37 7.92
CA ALA C 319 35.11 -12.02 8.14
C ALA C 319 34.20 -13.14 7.67
N SER C 320 34.72 -13.95 6.74
CA SER C 320 34.03 -15.07 6.09
C SER C 320 34.30 -16.46 6.71
N ARG C 321 35.58 -16.91 6.67
CA ARG C 321 36.09 -18.21 7.13
C ARG C 321 35.67 -18.54 8.55
N SER C 322 35.64 -17.52 9.42
CA SER C 322 35.27 -17.67 10.82
C SER C 322 33.73 -17.73 11.07
N ARG C 323 32.92 -18.03 10.03
CA ARG C 323 31.46 -18.13 10.12
C ARG C 323 30.93 -19.38 9.40
N UNK D 1 -44.53 -7.57 1.10
CA UNK D 1 -44.18 -7.87 -0.29
C UNK D 1 -44.91 -6.90 -1.23
N UNK D 2 -44.15 -6.13 -2.07
CA UNK D 2 -44.67 -5.13 -3.02
C UNK D 2 -43.72 -4.75 -4.18
N UNK D 3 -44.27 -4.86 -5.42
CA UNK D 3 -43.76 -4.50 -6.74
C UNK D 3 -45.01 -4.04 -7.58
N UNK D 4 -45.75 -3.00 -7.03
CA UNK D 4 -46.97 -2.30 -7.50
C UNK D 4 -46.68 -0.84 -8.04
N UNK D 5 -47.76 -0.05 -8.37
CA UNK D 5 -47.66 1.35 -8.88
C UNK D 5 -48.99 2.15 -8.73
N UNK E 1 18.27 18.24 -20.79
CA UNK E 1 19.65 18.34 -21.28
C UNK E 1 20.54 17.14 -20.79
N UNK E 2 21.89 17.37 -20.69
CA UNK E 2 22.99 16.43 -20.31
C UNK E 2 23.15 16.19 -18.79
N UNK E 3 22.40 15.18 -18.29
CA UNK E 3 22.34 14.73 -16.89
C UNK E 3 22.03 15.87 -15.90
N UNK E 4 23.00 16.13 -14.99
CA UNK E 4 23.04 17.12 -13.90
C UNK E 4 24.32 16.80 -13.07
N UNK E 5 24.24 16.96 -11.72
CA UNK E 5 25.29 16.67 -10.73
C UNK E 5 24.67 15.99 -9.50
N UNK F 1 6.90 -10.52 30.13
CA UNK F 1 7.16 -9.09 30.14
C UNK F 1 8.07 -8.68 31.33
N UNK F 2 8.65 -7.44 31.26
CA UNK F 2 9.61 -6.84 32.22
C UNK F 2 9.13 -6.81 33.68
#